data_4YHG
#
_entry.id   4YHG
#
_cell.length_a   84.326
_cell.length_b   99.553
_cell.length_c   102.462
_cell.angle_alpha   90.000
_cell.angle_beta   90.000
_cell.angle_gamma   90.000
#
_symmetry.space_group_name_H-M   'P 21 21 21'
#
loop_
_entity.id
_entity.type
_entity.pdbx_description
1 polymer GH5
2 branched beta-D-glucopyranose-(1-4)-beta-D-glucopyranose-(1-4)-beta-D-glucopyranose
3 water water
#
_entity_poly.entity_id   1
_entity_poly.type   'polypeptide(L)'
_entity_poly.pdbx_seq_one_letter_code
;RPMDNEAVQFGMSMGIGWNLGNQMDAHYDGCSYETGWGNKAATQQTFNGLAKAGFRSVRIPVTWMGHIGNAPTYAIERGW
LDRVDELVHMAHKAGLIVIINIHHDGFGAADTPSKGSHWLDLPAAVASEERNQLIKQELTMIWLQIGKRFANDGEWLVFE
TLNAIQDGDWGNGNNRRDGGAQYRVLNEWNQVCVDAIRAAGGKNETRYIGVPGYVCNPDLTVENLVLPEDVVPNRLMVAV
HSYDPWDYAGSAKYNEWGHTGKDVVPGVGEEAYVGMLNRLFNMYIRRGVPVYFGEFGAVRRASKADEEFRLYYFRYICKA
MRDRRISALYWDNGNSKAGNDGFGVIDHATGRFIGNGEQAVRAMIDSWENNDPNYTLQSIYDSAPESSR
;
_entity_poly.pdbx_strand_id   A,B
#
# COMPACT_ATOMS: atom_id res chain seq x y z
N ARG A 1 -6.91 1.15 12.86
CA ARG A 1 -6.02 2.13 12.15
C ARG A 1 -6.81 2.88 11.06
N PRO A 2 -7.16 4.16 11.29
CA PRO A 2 -8.06 4.87 10.38
C PRO A 2 -7.65 4.90 8.89
N MET A 3 -6.35 5.00 8.57
CA MET A 3 -5.96 5.00 7.14
C MET A 3 -6.29 3.69 6.44
N ASP A 4 -6.51 2.63 7.21
CA ASP A 4 -6.87 1.31 6.66
C ASP A 4 -8.39 1.11 6.53
N ASN A 5 -9.19 2.16 6.68
CA ASN A 5 -10.63 1.98 6.69
C ASN A 5 -11.23 1.89 5.29
N GLU A 6 -12.52 1.57 5.26
CA GLU A 6 -13.28 1.32 4.03
C GLU A 6 -13.38 2.56 3.11
N ALA A 7 -13.49 3.74 3.71
CA ALA A 7 -13.61 4.99 2.99
C ALA A 7 -12.35 5.34 2.21
N VAL A 8 -11.20 5.16 2.86
CA VAL A 8 -9.94 5.42 2.19
C VAL A 8 -9.70 4.39 1.09
N GLN A 9 -10.14 3.13 1.30
CA GLN A 9 -10.10 2.10 0.24
C GLN A 9 -10.93 2.50 -0.94
N PHE A 10 -12.08 3.10 -0.68
CA PHE A 10 -12.93 3.58 -1.78
C PHE A 10 -12.25 4.73 -2.54
N GLY A 11 -11.64 5.64 -1.79
CA GLY A 11 -10.80 6.70 -2.34
C GLY A 11 -9.76 6.12 -3.28
N MET A 12 -8.99 5.17 -2.79
CA MET A 12 -7.99 4.53 -3.64
C MET A 12 -8.59 3.76 -4.81
N SER A 13 -9.81 3.25 -4.69
CA SER A 13 -10.39 2.51 -5.80
C SER A 13 -10.60 3.40 -7.04
N MET A 14 -10.64 4.73 -6.90
CA MET A 14 -10.76 5.60 -8.07
C MET A 14 -9.46 5.65 -8.88
N GLY A 15 -8.35 5.28 -8.25
CA GLY A 15 -7.04 5.20 -8.94
C GLY A 15 -6.61 6.48 -9.65
N ILE A 16 -6.29 6.35 -10.92
CA ILE A 16 -6.06 7.51 -11.77
C ILE A 16 -7.21 7.53 -12.75
N GLY A 17 -7.86 8.70 -12.85
CA GLY A 17 -9.05 8.86 -13.64
C GLY A 17 -8.81 9.95 -14.63
N TRP A 18 -9.90 10.41 -15.23
CA TRP A 18 -9.83 11.30 -16.39
C TRP A 18 -11.07 12.18 -16.41
N ASN A 19 -10.88 13.47 -16.71
CA ASN A 19 -11.98 14.44 -16.83
C ASN A 19 -12.46 14.61 -18.27
N LEU A 20 -13.76 14.43 -18.47
CA LEU A 20 -14.41 14.84 -19.69
C LEU A 20 -14.52 16.37 -19.67
N GLY A 21 -13.38 17.06 -19.76
CA GLY A 21 -13.34 18.51 -19.59
C GLY A 21 -13.76 19.31 -20.83
N ASN A 22 -14.15 20.56 -20.60
CA ASN A 22 -14.65 21.45 -21.65
C ASN A 22 -15.73 20.78 -22.49
N GLN A 23 -16.65 20.12 -21.81
CA GLN A 23 -17.67 19.31 -22.46
C GLN A 23 -18.97 19.78 -21.84
N MET A 24 -19.51 19.09 -20.82
CA MET A 24 -20.78 19.51 -20.22
C MET A 24 -20.60 20.75 -19.34
N ASP A 25 -19.35 21.11 -19.12
CA ASP A 25 -19.00 22.36 -18.43
C ASP A 25 -18.86 23.56 -19.37
N ALA A 26 -18.67 23.33 -20.66
CA ALA A 26 -18.51 24.43 -21.57
C ALA A 26 -19.78 25.29 -21.56
N HIS A 27 -19.63 26.60 -21.76
CA HIS A 27 -20.75 27.52 -21.67
C HIS A 27 -20.39 28.83 -22.35
N TYR A 28 -21.39 29.60 -22.75
CA TYR A 28 -21.19 31.01 -23.13
C TYR A 28 -22.53 31.74 -23.06
N ASP A 29 -22.49 33.07 -22.96
CA ASP A 29 -23.72 33.91 -22.88
C ASP A 29 -24.79 33.31 -21.97
N GLY A 30 -24.36 32.78 -20.84
CA GLY A 30 -25.23 32.29 -19.76
C GLY A 30 -25.80 30.88 -19.87
N CYS A 31 -25.25 30.07 -20.75
CA CYS A 31 -25.84 28.77 -21.03
C CYS A 31 -24.78 27.75 -21.36
N SER A 32 -24.81 26.59 -20.71
CA SER A 32 -23.90 25.51 -21.07
C SER A 32 -24.37 24.76 -22.33
N TYR A 33 -23.41 24.18 -23.05
CA TYR A 33 -23.63 23.42 -24.29
C TYR A 33 -22.53 22.40 -24.41
N GLU A 34 -22.85 21.13 -24.63
CA GLU A 34 -21.83 20.09 -24.68
C GLU A 34 -20.69 20.34 -25.71
N THR A 35 -21.03 20.88 -26.90
CA THR A 35 -20.10 21.12 -28.01
C THR A 35 -19.61 22.57 -28.08
N GLY A 36 -20.06 23.38 -27.13
CA GLY A 36 -19.86 24.83 -27.16
C GLY A 36 -18.42 25.33 -27.16
N TRP A 37 -17.48 24.47 -26.74
CA TRP A 37 -16.05 24.81 -26.74
C TRP A 37 -15.19 23.90 -27.65
N GLY A 38 -15.78 23.32 -28.70
CA GLY A 38 -15.00 22.64 -29.72
C GLY A 38 -14.85 21.14 -29.60
N ASN A 39 -15.31 20.57 -28.51
CA ASN A 39 -15.32 19.14 -28.36
C ASN A 39 -16.57 18.53 -28.96
N LYS A 40 -16.44 17.36 -29.58
CA LYS A 40 -17.60 16.69 -30.13
C LYS A 40 -18.24 15.79 -29.07
N ALA A 41 -19.46 15.34 -29.34
CA ALA A 41 -20.28 14.65 -28.36
C ALA A 41 -19.71 13.33 -27.87
N ALA A 42 -19.69 13.10 -26.56
CA ALA A 42 -19.18 11.84 -26.03
C ALA A 42 -20.07 10.66 -26.42
N THR A 43 -19.46 9.48 -26.54
CA THR A 43 -20.19 8.27 -26.89
C THR A 43 -19.78 7.15 -25.93
N GLN A 44 -20.44 5.99 -26.05
CA GLN A 44 -20.04 4.85 -25.28
C GLN A 44 -18.55 4.58 -25.53
N GLN A 45 -18.13 4.73 -26.78
CA GLN A 45 -16.77 4.46 -27.19
C GLN A 45 -15.73 5.31 -26.44
N THR A 46 -16.12 6.53 -26.12
CA THR A 46 -15.30 7.42 -25.33
C THR A 46 -14.93 6.71 -24.04
N PHE A 47 -15.94 6.20 -23.34
CA PHE A 47 -15.74 5.64 -22.02
C PHE A 47 -15.07 4.27 -22.12
N ASN A 48 -15.41 3.51 -23.14
CA ASN A 48 -14.73 2.25 -23.42
C ASN A 48 -13.23 2.44 -23.49
N GLY A 49 -12.79 3.41 -24.30
CA GLY A 49 -11.37 3.70 -24.42
C GLY A 49 -10.70 4.09 -23.10
N LEU A 50 -11.39 4.85 -22.26
CA LEU A 50 -10.89 5.19 -20.95
C LEU A 50 -10.62 3.94 -20.11
N ALA A 51 -11.60 3.05 -20.04
CA ALA A 51 -11.46 1.82 -19.26
C ALA A 51 -10.33 0.97 -19.79
N LYS A 52 -10.23 0.92 -21.11
CA LYS A 52 -9.19 0.16 -21.80
C LYS A 52 -7.79 0.67 -21.47
N ALA A 53 -7.64 1.98 -21.37
CA ALA A 53 -6.34 2.58 -21.12
C ALA A 53 -5.90 2.33 -19.69
N GLY A 54 -6.86 2.03 -18.81
CA GLY A 54 -6.57 1.68 -17.42
C GLY A 54 -7.05 2.69 -16.39
N PHE A 55 -7.76 3.74 -16.83
CA PHE A 55 -8.39 4.67 -15.88
C PHE A 55 -9.46 3.94 -15.10
N ARG A 56 -9.53 4.23 -13.81
CA ARG A 56 -10.52 3.59 -12.95
C ARG A 56 -11.72 4.47 -12.69
N SER A 57 -11.58 5.76 -12.96
CA SER A 57 -12.66 6.70 -12.64
C SER A 57 -12.80 7.74 -13.74
N VAL A 58 -13.93 8.42 -13.77
CA VAL A 58 -14.15 9.49 -14.71
C VAL A 58 -14.92 10.60 -14.03
N ARG A 59 -14.54 11.84 -14.30
CA ARG A 59 -15.22 13.01 -13.76
C ARG A 59 -15.87 13.72 -14.91
N ILE A 60 -17.18 13.90 -14.77
CA ILE A 60 -17.97 14.61 -15.73
C ILE A 60 -18.42 15.94 -15.13
N PRO A 61 -17.60 16.96 -15.28
CA PRO A 61 -18.03 18.26 -14.78
C PRO A 61 -19.24 18.75 -15.59
N VAL A 62 -20.25 19.24 -14.88
CA VAL A 62 -21.45 19.73 -15.52
C VAL A 62 -21.65 21.17 -15.06
N THR A 63 -21.91 22.05 -16.02
CA THR A 63 -22.31 23.41 -15.74
C THR A 63 -23.80 23.47 -16.00
N TRP A 64 -24.56 23.80 -14.96
CA TRP A 64 -26.03 23.72 -14.98
C TRP A 64 -26.70 25.01 -15.42
N MET A 65 -26.00 26.11 -15.17
CA MET A 65 -26.40 27.45 -15.63
C MET A 65 -26.96 27.48 -17.07
N GLY A 66 -28.10 28.14 -17.27
CA GLY A 66 -28.80 28.08 -18.56
C GLY A 66 -29.89 27.02 -18.68
N HIS A 67 -29.83 25.96 -17.87
CA HIS A 67 -30.82 24.90 -17.90
C HIS A 67 -31.58 24.85 -16.60
N ILE A 68 -31.64 25.98 -15.90
CA ILE A 68 -32.33 26.06 -14.62
C ILE A 68 -33.54 27.01 -14.74
N GLY A 69 -34.76 26.47 -14.61
CA GLY A 69 -35.99 27.29 -14.56
C GLY A 69 -36.04 28.17 -13.32
N ASN A 70 -37.09 28.96 -13.19
CA ASN A 70 -37.12 29.99 -12.14
C ASN A 70 -37.30 29.46 -10.72
N ALA A 71 -36.92 30.29 -9.76
CA ALA A 71 -37.28 30.08 -8.34
C ALA A 71 -38.79 30.05 -8.24
N PRO A 72 -39.33 29.32 -7.25
CA PRO A 72 -38.64 28.63 -6.16
C PRO A 72 -38.20 27.18 -6.45
N THR A 73 -38.69 26.59 -7.54
CA THR A 73 -38.40 25.17 -7.84
C THR A 73 -37.03 24.93 -8.49
N TYR A 74 -36.55 25.89 -9.28
CA TYR A 74 -35.29 25.76 -10.06
C TYR A 74 -35.25 24.48 -10.88
N ALA A 75 -36.33 24.18 -11.56
CA ALA A 75 -36.45 22.96 -12.34
C ALA A 75 -35.30 22.89 -13.35
N ILE A 76 -34.64 21.74 -13.40
CA ILE A 76 -33.60 21.50 -14.37
C ILE A 76 -34.27 21.01 -15.64
N GLU A 77 -33.88 21.57 -16.79
CA GLU A 77 -34.44 21.17 -18.07
C GLU A 77 -34.19 19.69 -18.21
N ARG A 78 -35.22 18.95 -18.60
CA ARG A 78 -35.17 17.49 -18.53
C ARG A 78 -34.15 16.90 -19.52
N GLY A 79 -34.05 17.50 -20.71
CA GLY A 79 -33.12 17.01 -21.73
C GLY A 79 -31.69 17.08 -21.26
N TRP A 80 -31.36 18.16 -20.56
CA TRP A 80 -30.01 18.35 -20.02
C TRP A 80 -29.71 17.27 -19.00
N LEU A 81 -30.59 17.11 -18.01
CA LEU A 81 -30.47 16.01 -17.08
C LEU A 81 -30.42 14.64 -17.80
N ASP A 82 -31.22 14.42 -18.84
CA ASP A 82 -31.20 13.16 -19.62
C ASP A 82 -29.80 12.86 -20.12
N ARG A 83 -29.19 13.87 -20.73
CA ARG A 83 -27.83 13.72 -21.22
C ARG A 83 -26.82 13.44 -20.08
N VAL A 84 -26.92 14.12 -18.95
CA VAL A 84 -26.04 13.79 -17.81
C VAL A 84 -26.27 12.31 -17.39
N ASP A 85 -27.55 11.94 -17.20
CA ASP A 85 -27.97 10.57 -16.85
C ASP A 85 -27.35 9.57 -17.80
N GLU A 86 -27.46 9.87 -19.09
CA GLU A 86 -26.97 9.03 -20.17
C GLU A 86 -25.46 8.83 -20.11
N LEU A 87 -24.72 9.91 -19.92
CA LEU A 87 -23.27 9.80 -19.81
C LEU A 87 -22.83 9.03 -18.56
N VAL A 88 -23.39 9.38 -17.43
CA VAL A 88 -23.07 8.66 -16.20
C VAL A 88 -23.21 7.12 -16.41
N HIS A 89 -24.26 6.72 -17.13
CA HIS A 89 -24.53 5.30 -17.38
C HIS A 89 -23.68 4.67 -18.47
N MET A 90 -23.20 5.47 -19.43
CA MET A 90 -22.19 4.96 -20.36
C MET A 90 -20.90 4.62 -19.62
N ALA A 91 -20.54 5.48 -18.68
CA ALA A 91 -19.35 5.27 -17.86
C ALA A 91 -19.49 4.05 -16.99
N HIS A 92 -20.71 3.85 -16.48
CA HIS A 92 -21.01 2.69 -15.63
C HIS A 92 -20.91 1.42 -16.46
N LYS A 93 -21.36 1.49 -17.70
CA LYS A 93 -21.28 0.34 -18.62
C LYS A 93 -19.84 -0.09 -18.84
N ALA A 94 -18.91 0.87 -18.82
CA ALA A 94 -17.50 0.60 -18.97
C ALA A 94 -16.78 0.26 -17.65
N GLY A 95 -17.49 0.17 -16.54
CA GLY A 95 -16.90 -0.27 -15.28
C GLY A 95 -16.13 0.80 -14.52
N LEU A 96 -16.41 2.07 -14.84
CA LEU A 96 -15.74 3.22 -14.23
C LEU A 96 -16.52 3.77 -13.05
N ILE A 97 -15.81 4.22 -12.04
CA ILE A 97 -16.39 5.03 -10.98
C ILE A 97 -16.61 6.41 -11.58
N VAL A 98 -17.73 7.03 -11.25
CA VAL A 98 -18.14 8.27 -11.91
C VAL A 98 -18.37 9.42 -10.95
N ILE A 99 -17.84 10.58 -11.28
CA ILE A 99 -18.04 11.79 -10.46
C ILE A 99 -18.79 12.85 -11.26
N ILE A 100 -19.87 13.39 -10.71
CA ILE A 100 -20.51 14.57 -11.30
C ILE A 100 -20.59 15.70 -10.28
N ASN A 101 -20.85 16.92 -10.77
CA ASN A 101 -20.77 18.10 -9.92
C ASN A 101 -21.54 19.32 -10.42
N ILE A 102 -21.40 20.42 -9.68
CA ILE A 102 -21.78 21.74 -10.12
C ILE A 102 -20.46 22.45 -10.48
N HIS A 103 -20.27 22.79 -11.76
CA HIS A 103 -18.95 23.23 -12.23
C HIS A 103 -18.89 24.74 -12.49
N HIS A 104 -18.99 25.21 -13.74
CA HIS A 104 -18.75 26.64 -13.98
C HIS A 104 -19.78 27.61 -13.43
N ASP A 105 -20.92 27.10 -12.98
CA ASP A 105 -21.86 27.88 -12.19
C ASP A 105 -21.11 28.72 -11.11
N GLY A 106 -20.12 28.09 -10.49
CA GLY A 106 -19.33 28.75 -9.44
C GLY A 106 -18.06 29.49 -9.87
N PHE A 107 -17.81 29.57 -11.18
CA PHE A 107 -16.58 30.19 -11.72
C PHE A 107 -16.48 31.58 -11.15
N GLY A 108 -15.40 31.81 -10.40
CA GLY A 108 -15.24 33.07 -9.67
C GLY A 108 -14.35 34.16 -10.27
N ALA A 109 -13.82 33.96 -11.47
CA ALA A 109 -12.94 34.96 -12.09
C ALA A 109 -13.71 35.88 -13.04
N ALA A 110 -13.03 36.92 -13.51
CA ALA A 110 -13.63 37.90 -14.44
C ALA A 110 -13.54 37.44 -15.90
N ASP A 111 -12.61 36.53 -16.20
CA ASP A 111 -12.45 36.01 -17.57
C ASP A 111 -13.43 34.88 -17.89
N THR A 112 -14.70 35.24 -18.08
CA THR A 112 -15.76 34.29 -18.41
C THR A 112 -16.50 34.75 -19.66
N PRO A 113 -16.91 33.81 -20.50
CA PRO A 113 -17.77 34.15 -21.63
C PRO A 113 -19.28 34.25 -21.26
N SER A 114 -19.61 34.11 -19.97
CA SER A 114 -20.99 34.26 -19.48
C SER A 114 -21.04 35.29 -18.35
N LYS A 115 -20.60 36.52 -18.62
CA LYS A 115 -20.56 37.54 -17.58
C LYS A 115 -21.99 37.85 -17.19
N GLY A 116 -22.25 37.98 -15.88
CA GLY A 116 -23.58 38.27 -15.35
C GLY A 116 -24.45 37.07 -15.03
N SER A 117 -23.99 35.89 -15.43
CA SER A 117 -24.81 34.68 -15.35
C SER A 117 -24.38 33.68 -14.26
N HIS A 118 -23.26 33.91 -13.58
CA HIS A 118 -22.81 32.98 -12.54
C HIS A 118 -23.57 33.23 -11.22
N TRP A 119 -24.73 32.60 -11.08
CA TRP A 119 -25.60 32.68 -9.88
C TRP A 119 -24.90 32.27 -8.60
N LEU A 120 -23.94 31.37 -8.72
CA LEU A 120 -23.20 30.86 -7.59
C LEU A 120 -22.07 31.84 -7.19
N ASP A 121 -22.46 32.94 -6.57
CA ASP A 121 -21.60 34.14 -6.43
C ASP A 121 -21.10 34.35 -4.97
N LEU A 122 -19.82 34.09 -4.74
CA LEU A 122 -19.28 34.12 -3.38
C LEU A 122 -19.15 35.54 -2.85
N PRO A 123 -18.64 36.48 -3.66
CA PRO A 123 -18.65 37.86 -3.18
C PRO A 123 -20.03 38.32 -2.77
N ALA A 124 -21.03 37.99 -3.58
CA ALA A 124 -22.41 38.46 -3.32
C ALA A 124 -23.05 37.76 -2.11
N ALA A 125 -22.69 36.51 -1.84
CA ALA A 125 -23.15 35.83 -0.64
C ALA A 125 -22.52 36.42 0.61
N VAL A 126 -21.24 36.78 0.52
CA VAL A 126 -20.57 37.47 1.60
C VAL A 126 -21.20 38.84 1.82
N ALA A 127 -21.54 39.51 0.72
CA ALA A 127 -22.13 40.86 0.77
C ALA A 127 -23.42 40.94 1.55
N SER A 128 -24.27 39.93 1.43
CA SER A 128 -25.55 39.91 2.14
C SER A 128 -25.99 38.49 2.46
N GLU A 129 -26.59 38.30 3.64
CA GLU A 129 -27.10 36.99 4.05
C GLU A 129 -28.38 36.65 3.25
N GLU A 130 -29.09 37.66 2.73
CA GLU A 130 -30.29 37.41 1.92
C GLU A 130 -29.94 36.77 0.58
N ARG A 131 -28.88 37.26 -0.05
CA ARG A 131 -28.40 36.66 -1.29
C ARG A 131 -27.74 35.30 -1.00
N ASN A 132 -27.10 35.18 0.16
CA ASN A 132 -26.58 33.88 0.61
C ASN A 132 -27.70 32.86 0.76
N GLN A 133 -28.84 33.30 1.26
CA GLN A 133 -30.01 32.43 1.39
C GLN A 133 -30.55 31.98 0.05
N LEU A 134 -30.70 32.89 -0.92
CA LEU A 134 -31.17 32.49 -2.25
C LEU A 134 -30.25 31.44 -2.87
N ILE A 135 -28.95 31.66 -2.77
CA ILE A 135 -27.98 30.74 -3.37
C ILE A 135 -28.10 29.35 -2.74
N LYS A 136 -28.24 29.30 -1.43
CA LYS A 136 -28.40 28.04 -0.70
C LYS A 136 -29.69 27.29 -1.09
N GLN A 137 -30.80 28.00 -1.28
CA GLN A 137 -32.02 27.37 -1.74
C GLN A 137 -31.82 26.75 -3.11
N GLU A 138 -31.16 27.48 -4.00
CA GLU A 138 -30.92 26.99 -5.36
C GLU A 138 -30.02 25.76 -5.33
N LEU A 139 -28.92 25.84 -4.58
CA LEU A 139 -28.07 24.64 -4.37
C LEU A 139 -28.88 23.46 -3.83
N THR A 140 -29.78 23.71 -2.88
CA THR A 140 -30.66 22.67 -2.32
C THR A 140 -31.54 22.05 -3.42
N MET A 141 -32.30 22.87 -4.13
CA MET A 141 -33.21 22.38 -5.17
C MET A 141 -32.50 21.61 -6.27
N ILE A 142 -31.32 22.08 -6.65
CA ILE A 142 -30.57 21.45 -7.73
C ILE A 142 -30.06 20.08 -7.28
N TRP A 143 -29.52 19.99 -6.08
CA TRP A 143 -28.98 18.73 -5.61
C TRP A 143 -30.08 17.73 -5.31
N LEU A 144 -31.22 18.21 -4.80
CA LEU A 144 -32.41 17.34 -4.63
C LEU A 144 -32.80 16.67 -5.95
N GLN A 145 -32.83 17.42 -7.05
CA GLN A 145 -33.24 16.87 -8.35
C GLN A 145 -32.21 15.89 -8.91
N ILE A 146 -30.95 16.28 -8.84
CA ILE A 146 -29.88 15.38 -9.26
C ILE A 146 -29.95 14.08 -8.43
N GLY A 147 -29.99 14.22 -7.11
CA GLY A 147 -30.19 13.07 -6.23
C GLY A 147 -31.38 12.19 -6.59
N LYS A 148 -32.52 12.81 -6.90
CA LYS A 148 -33.72 12.03 -7.23
C LYS A 148 -33.58 11.31 -8.55
N ARG A 149 -32.90 11.90 -9.51
CA ARG A 149 -32.71 11.22 -10.76
C ARG A 149 -31.87 9.96 -10.57
N PHE A 150 -30.85 10.04 -9.70
CA PHE A 150 -29.91 8.93 -9.53
C PHE A 150 -30.13 8.12 -8.23
N ALA A 151 -31.39 8.02 -7.77
CA ALA A 151 -31.66 7.39 -6.48
C ALA A 151 -31.41 5.90 -6.46
N ASN A 152 -31.48 5.25 -7.63
CA ASN A 152 -31.22 3.82 -7.72
C ASN A 152 -29.81 3.49 -8.17
N ASP A 153 -28.92 4.49 -8.20
CA ASP A 153 -27.54 4.26 -8.62
C ASP A 153 -26.63 4.24 -7.41
N GLY A 154 -25.84 3.18 -7.29
CA GLY A 154 -25.06 2.92 -6.09
C GLY A 154 -23.74 3.68 -5.96
N GLU A 155 -22.89 3.18 -5.07
CA GLU A 155 -21.73 3.95 -4.62
C GLU A 155 -20.62 4.07 -5.68
N TRP A 156 -20.80 3.44 -6.83
CA TRP A 156 -19.96 3.72 -8.00
C TRP A 156 -20.20 5.12 -8.55
N LEU A 157 -21.31 5.74 -8.19
CA LEU A 157 -21.52 7.15 -8.58
C LEU A 157 -21.26 8.08 -7.39
N VAL A 158 -20.32 9.01 -7.58
CA VAL A 158 -19.93 9.99 -6.57
C VAL A 158 -20.45 11.40 -6.95
N PHE A 159 -20.95 12.14 -5.97
CA PHE A 159 -21.34 13.54 -6.15
C PHE A 159 -20.30 14.45 -5.51
N GLU A 160 -19.83 15.43 -6.29
CA GLU A 160 -18.92 16.45 -5.78
C GLU A 160 -19.71 17.76 -5.67
N THR A 161 -19.86 18.27 -4.45
CA THR A 161 -20.82 19.35 -4.16
C THR A 161 -20.67 20.56 -5.06
N LEU A 162 -19.43 21.04 -5.18
CA LEU A 162 -19.10 22.30 -5.88
C LEU A 162 -17.76 22.13 -6.53
N ASN A 163 -17.37 23.04 -7.40
CA ASN A 163 -16.05 22.98 -8.00
C ASN A 163 -15.00 23.85 -7.31
N ALA A 164 -14.66 24.99 -7.90
CA ALA A 164 -13.54 25.83 -7.41
C ALA A 164 -14.10 27.21 -7.14
N ILE A 165 -14.54 27.42 -5.91
CA ILE A 165 -15.25 28.64 -5.57
C ILE A 165 -14.22 29.67 -5.11
N GLN A 166 -14.41 30.94 -5.52
CA GLN A 166 -13.43 32.00 -5.26
C GLN A 166 -13.97 33.39 -5.60
N ASP A 167 -13.19 34.43 -5.34
CA ASP A 167 -13.63 35.82 -5.59
C ASP A 167 -13.03 36.50 -6.84
N GLY A 168 -12.18 35.78 -7.58
CA GLY A 168 -11.46 36.35 -8.71
C GLY A 168 -9.96 36.29 -8.52
N ASP A 169 -9.47 36.42 -7.28
CA ASP A 169 -8.02 36.54 -7.03
C ASP A 169 -7.34 35.22 -6.62
N TRP A 170 -7.98 34.09 -6.90
CA TRP A 170 -7.32 32.77 -6.84
C TRP A 170 -6.75 32.38 -5.48
N GLY A 171 -7.35 32.88 -4.42
CA GLY A 171 -6.86 32.62 -3.07
C GLY A 171 -5.76 33.56 -2.60
N ASN A 172 -5.51 34.63 -3.35
CA ASN A 172 -4.60 35.70 -2.90
C ASN A 172 -5.35 37.00 -2.58
N GLY A 173 -6.68 36.99 -2.67
CA GLY A 173 -7.49 38.21 -2.49
C GLY A 173 -8.03 38.42 -1.09
N ASN A 174 -9.26 38.92 -1.01
CA ASN A 174 -9.93 39.29 0.26
C ASN A 174 -10.15 38.12 1.21
N ASN A 175 -10.23 36.91 0.67
CA ASN A 175 -10.28 35.67 1.45
C ASN A 175 -9.18 35.50 2.50
N ARG A 176 -8.05 36.19 2.34
CA ARG A 176 -6.94 36.17 3.29
C ARG A 176 -7.03 37.26 4.37
N ARG A 177 -7.99 38.17 4.26
CA ARG A 177 -8.07 39.30 5.20
C ARG A 177 -9.51 39.81 5.40
N ASP A 178 -10.47 38.88 5.42
CA ASP A 178 -11.88 39.24 5.67
C ASP A 178 -12.39 38.66 6.99
N GLY A 179 -11.49 38.04 7.75
CA GLY A 179 -11.86 37.40 9.00
C GLY A 179 -12.58 36.09 8.81
N GLY A 180 -12.19 35.34 7.76
CA GLY A 180 -12.75 34.03 7.46
C GLY A 180 -14.14 34.02 6.84
N ALA A 181 -14.67 35.18 6.45
CA ALA A 181 -16.04 35.27 5.94
C ALA A 181 -16.27 34.44 4.67
N GLN A 182 -15.36 34.56 3.70
CA GLN A 182 -15.46 33.75 2.50
C GLN A 182 -15.37 32.26 2.84
N TYR A 183 -14.45 31.86 3.72
CA TYR A 183 -14.30 30.43 4.07
C TYR A 183 -15.51 29.88 4.84
N ARG A 184 -16.14 30.72 5.64
CA ARG A 184 -17.28 30.32 6.43
C ARG A 184 -18.47 30.04 5.53
N VAL A 185 -18.65 30.86 4.50
CA VAL A 185 -19.76 30.70 3.55
C VAL A 185 -19.58 29.44 2.73
N LEU A 186 -18.37 29.23 2.24
CA LEU A 186 -18.12 28.05 1.42
C LEU A 186 -18.40 26.77 2.21
N ASN A 187 -17.93 26.72 3.45
CA ASN A 187 -18.28 25.61 4.33
C ASN A 187 -19.81 25.45 4.51
N GLU A 188 -20.53 26.57 4.60
CA GLU A 188 -21.99 26.53 4.70
C GLU A 188 -22.64 25.97 3.45
N TRP A 189 -22.13 26.34 2.27
CA TRP A 189 -22.65 25.77 1.02
C TRP A 189 -22.42 24.27 0.95
N ASN A 190 -21.23 23.81 1.31
CA ASN A 190 -20.98 22.36 1.35
C ASN A 190 -21.97 21.64 2.26
N GLN A 191 -22.19 22.17 3.44
CA GLN A 191 -23.16 21.62 4.37
C GLN A 191 -24.53 21.48 3.70
N VAL A 192 -25.00 22.56 3.09
CA VAL A 192 -26.31 22.59 2.44
C VAL A 192 -26.42 21.58 1.30
N CYS A 193 -25.36 21.43 0.52
CA CYS A 193 -25.33 20.42 -0.54
C CYS A 193 -25.38 18.98 0.01
N VAL A 194 -24.64 18.72 1.09
CA VAL A 194 -24.64 17.41 1.70
C VAL A 194 -26.03 17.14 2.26
N ASP A 195 -26.61 18.11 2.95
CA ASP A 195 -27.98 17.97 3.46
C ASP A 195 -28.94 17.55 2.34
N ALA A 196 -28.88 18.27 1.22
CA ALA A 196 -29.81 18.00 0.12
C ALA A 196 -29.58 16.65 -0.55
N ILE A 197 -28.33 16.24 -0.71
CA ILE A 197 -28.04 14.96 -1.30
C ILE A 197 -28.63 13.84 -0.43
N ARG A 198 -28.45 13.94 0.87
CA ARG A 198 -28.91 12.89 1.74
C ARG A 198 -30.45 12.84 1.77
N ALA A 199 -31.08 14.01 1.63
CA ALA A 199 -32.54 14.15 1.63
C ALA A 199 -33.16 13.65 0.33
N ALA A 200 -32.35 13.43 -0.69
CA ALA A 200 -32.87 12.88 -1.94
C ALA A 200 -33.31 11.41 -1.80
N GLY A 201 -32.89 10.74 -0.72
CA GLY A 201 -33.30 9.36 -0.47
C GLY A 201 -32.51 8.32 -1.24
N GLY A 202 -32.88 7.06 -1.05
CA GLY A 202 -32.35 5.94 -1.81
C GLY A 202 -30.89 5.77 -1.53
N LYS A 203 -30.13 5.52 -2.58
CA LYS A 203 -28.71 5.26 -2.47
C LYS A 203 -27.88 6.53 -2.23
N ASN A 204 -28.50 7.70 -2.29
CA ASN A 204 -27.84 8.94 -1.93
C ASN A 204 -27.53 9.00 -0.44
N GLU A 205 -28.18 8.16 0.36
CA GLU A 205 -27.93 8.16 1.80
C GLU A 205 -26.57 7.59 2.15
N THR A 206 -26.02 6.73 1.29
CA THR A 206 -24.72 6.12 1.57
C THR A 206 -23.69 6.32 0.45
N ARG A 207 -24.00 7.23 -0.46
CA ARG A 207 -23.11 7.63 -1.53
C ARG A 207 -21.95 8.43 -0.95
N TYR A 208 -20.75 8.24 -1.50
CA TYR A 208 -19.63 9.11 -1.17
C TYR A 208 -19.83 10.47 -1.81
N ILE A 209 -19.59 11.52 -1.03
CA ILE A 209 -19.70 12.90 -1.48
C ILE A 209 -18.35 13.61 -1.33
N GLY A 210 -17.85 14.18 -2.41
CA GLY A 210 -16.64 15.01 -2.39
C GLY A 210 -16.97 16.46 -2.09
N VAL A 211 -16.18 17.07 -1.20
CA VAL A 211 -16.35 18.47 -0.81
C VAL A 211 -15.03 19.21 -0.92
N PRO A 212 -15.00 20.35 -1.63
CA PRO A 212 -13.81 21.15 -1.79
C PRO A 212 -13.64 22.28 -0.77
N GLY A 213 -12.40 22.78 -0.68
CA GLY A 213 -12.06 24.02 0.01
C GLY A 213 -11.85 25.16 -0.98
N TYR A 214 -11.38 26.30 -0.48
CA TYR A 214 -11.30 27.51 -1.29
C TYR A 214 -10.45 27.30 -2.57
N VAL A 215 -11.02 27.69 -3.71
CA VAL A 215 -10.41 27.50 -5.04
C VAL A 215 -9.70 26.15 -5.25
N CYS A 216 -10.16 25.14 -4.52
CA CYS A 216 -9.55 23.81 -4.58
C CYS A 216 -8.05 23.76 -4.24
N ASN A 217 -7.59 24.74 -3.48
CA ASN A 217 -6.20 24.83 -3.09
C ASN A 217 -5.99 23.92 -1.88
N PRO A 218 -5.07 22.94 -1.99
CA PRO A 218 -4.77 22.01 -0.87
C PRO A 218 -4.51 22.68 0.47
N ASP A 219 -3.69 23.73 0.50
CA ASP A 219 -3.35 24.39 1.76
C ASP A 219 -4.52 25.17 2.37
N LEU A 220 -5.26 25.91 1.53
CA LEU A 220 -6.41 26.66 2.04
C LEU A 220 -7.50 25.67 2.50
N THR A 221 -7.50 24.48 1.90
CA THR A 221 -8.38 23.41 2.32
C THR A 221 -8.00 22.88 3.70
N VAL A 222 -6.75 22.47 3.90
CA VAL A 222 -6.36 21.96 5.21
C VAL A 222 -6.51 23.00 6.32
N GLU A 223 -6.39 24.28 5.99
CA GLU A 223 -6.48 25.34 6.99
C GLU A 223 -7.92 25.71 7.34
N ASN A 224 -8.81 25.73 6.35
CA ASN A 224 -10.13 26.32 6.58
C ASN A 224 -11.36 25.44 6.30
N LEU A 225 -11.19 24.32 5.58
CA LEU A 225 -12.31 23.40 5.33
C LEU A 225 -12.82 22.77 6.63
N VAL A 226 -14.12 22.86 6.86
CA VAL A 226 -14.81 22.14 7.93
C VAL A 226 -15.67 21.08 7.24
N LEU A 227 -15.35 19.81 7.45
CA LEU A 227 -16.19 18.73 6.93
C LEU A 227 -17.62 18.83 7.48
N PRO A 228 -18.61 18.84 6.60
CA PRO A 228 -20.01 18.90 7.02
C PRO A 228 -20.41 17.80 7.97
N GLU A 229 -21.33 18.11 8.87
CA GLU A 229 -22.05 17.08 9.64
C GLU A 229 -22.82 16.22 8.64
N ASP A 230 -22.68 14.91 8.76
CA ASP A 230 -23.30 13.99 7.84
C ASP A 230 -24.26 13.09 8.60
N VAL A 231 -25.20 12.48 7.89
CA VAL A 231 -26.17 11.54 8.50
C VAL A 231 -25.62 10.11 8.60
N VAL A 232 -24.51 9.85 7.93
CA VAL A 232 -23.81 8.57 8.02
C VAL A 232 -22.32 8.85 8.23
N PRO A 233 -21.61 7.92 8.88
CA PRO A 233 -20.16 8.04 9.03
C PRO A 233 -19.39 7.66 7.78
N ASN A 234 -18.23 8.27 7.60
CA ASN A 234 -17.22 7.83 6.63
C ASN A 234 -17.66 7.88 5.17
N ARG A 235 -18.52 8.83 4.79
CA ARG A 235 -18.97 8.96 3.40
C ARG A 235 -18.65 10.29 2.73
N LEU A 236 -17.70 11.03 3.30
CA LEU A 236 -17.20 12.26 2.70
C LEU A 236 -15.75 12.11 2.33
N MET A 237 -15.41 12.65 1.15
CA MET A 237 -14.06 12.72 0.64
C MET A 237 -13.68 14.17 0.41
N VAL A 238 -12.38 14.48 0.55
CA VAL A 238 -11.92 15.83 0.31
C VAL A 238 -11.45 15.96 -1.16
N ALA A 239 -12.03 16.92 -1.87
CA ALA A 239 -11.66 17.15 -3.26
C ALA A 239 -10.70 18.31 -3.32
N VAL A 240 -9.59 18.12 -4.05
CA VAL A 240 -8.59 19.18 -4.25
C VAL A 240 -8.18 19.14 -5.72
N HIS A 241 -7.50 20.19 -6.18
CA HIS A 241 -6.91 20.26 -7.52
C HIS A 241 -5.45 20.65 -7.38
N SER A 242 -4.63 20.24 -8.35
CA SER A 242 -3.27 20.78 -8.41
C SER A 242 -2.72 20.76 -9.79
N TYR A 243 -2.32 21.94 -10.25
CA TYR A 243 -1.54 22.10 -11.47
C TYR A 243 -0.19 22.72 -11.10
N ASP A 244 0.42 22.25 -10.00
CA ASP A 244 1.60 22.91 -9.44
C ASP A 244 2.89 22.33 -10.02
N PRO A 245 3.88 23.20 -10.33
CA PRO A 245 3.77 24.65 -10.29
C PRO A 245 3.13 25.16 -11.59
N TRP A 246 2.23 26.11 -11.43
CA TRP A 246 1.43 26.53 -12.52
C TRP A 246 2.27 26.94 -13.77
N ASP A 247 3.34 27.69 -13.53
CA ASP A 247 4.08 28.26 -14.63
C ASP A 247 4.92 27.20 -15.39
N TYR A 248 5.03 25.99 -14.83
CA TYR A 248 5.48 24.81 -15.54
C TYR A 248 4.30 23.99 -16.09
N ALA A 249 3.37 23.60 -15.22
CA ALA A 249 2.29 22.66 -15.62
C ALA A 249 1.16 23.26 -16.47
N GLY A 250 0.81 24.51 -16.23
CA GLY A 250 -0.34 25.12 -16.86
C GLY A 250 -0.03 26.11 -18.00
N SER A 251 0.77 27.14 -17.70
CA SER A 251 1.11 28.17 -18.68
C SER A 251 2.28 27.71 -19.57
N ALA A 252 3.06 26.76 -19.08
CA ALA A 252 4.27 26.32 -19.82
C ALA A 252 5.19 27.47 -20.16
N LYS A 253 5.40 28.38 -19.21
CA LYS A 253 6.43 29.41 -19.35
C LYS A 253 7.74 28.72 -19.17
N TYR A 254 7.79 27.73 -18.28
CA TYR A 254 8.96 26.90 -18.09
C TYR A 254 8.62 25.51 -18.60
N ASN A 255 9.63 24.84 -19.14
CA ASN A 255 9.37 23.60 -19.80
C ASN A 255 10.14 22.40 -19.28
N GLU A 256 10.85 22.56 -18.15
CA GLU A 256 11.46 21.44 -17.45
C GLU A 256 11.00 21.51 -16.02
N TRP A 257 11.17 20.41 -15.29
CA TRP A 257 10.71 20.33 -13.91
C TRP A 257 11.60 19.32 -13.17
N GLY A 258 11.89 19.61 -11.92
CA GLY A 258 12.64 18.67 -11.09
C GLY A 258 14.12 18.97 -11.02
N HIS A 259 14.83 18.15 -10.24
CA HIS A 259 16.24 18.42 -9.94
C HIS A 259 17.20 18.38 -11.16
N THR A 260 16.82 17.72 -12.26
CA THR A 260 17.67 17.68 -13.45
C THR A 260 17.29 18.72 -14.49
N GLY A 261 16.20 19.43 -14.26
CA GLY A 261 15.79 20.50 -15.19
C GLY A 261 16.59 21.77 -14.99
N LYS A 262 16.77 22.52 -16.08
CA LYS A 262 17.37 23.85 -16.02
C LYS A 262 16.33 24.96 -16.28
N ASP A 263 15.41 24.71 -17.20
CA ASP A 263 14.37 25.65 -17.48
C ASP A 263 13.17 25.42 -16.56
N VAL A 264 13.31 25.79 -15.30
CA VAL A 264 12.39 25.38 -14.24
C VAL A 264 11.81 26.58 -13.50
N VAL A 265 10.68 26.39 -12.87
CA VAL A 265 10.18 27.38 -11.91
C VAL A 265 11.15 27.39 -10.75
N PRO A 266 11.69 28.56 -10.39
CA PRO A 266 12.79 28.48 -9.43
C PRO A 266 12.37 27.99 -8.04
N GLY A 267 13.10 27.00 -7.52
CA GLY A 267 12.96 26.57 -6.13
C GLY A 267 11.73 25.73 -5.88
N VAL A 268 11.03 25.34 -6.94
CA VAL A 268 9.78 24.56 -6.81
C VAL A 268 9.86 23.29 -7.67
N GLY A 269 10.13 22.16 -7.01
CA GLY A 269 10.22 20.86 -7.66
C GLY A 269 9.62 19.74 -6.86
N GLU A 270 10.33 18.62 -6.84
CA GLU A 270 9.85 17.39 -6.19
C GLU A 270 9.51 17.61 -4.73
N GLU A 271 10.39 18.22 -3.96
CA GLU A 271 10.16 18.37 -2.51
C GLU A 271 8.88 19.15 -2.16
N ALA A 272 8.57 20.16 -2.98
CA ALA A 272 7.42 21.03 -2.70
C ALA A 272 6.12 20.27 -2.97
N TYR A 273 6.11 19.43 -4.01
CA TYR A 273 4.90 18.76 -4.41
C TYR A 273 4.57 17.66 -3.41
N VAL A 274 5.57 16.91 -3.00
CA VAL A 274 5.41 15.86 -2.01
C VAL A 274 5.06 16.48 -0.66
N GLY A 275 5.62 17.63 -0.34
CA GLY A 275 5.25 18.35 0.90
C GLY A 275 3.75 18.65 0.94
N MET A 276 3.25 19.13 -0.19
CA MET A 276 1.84 19.37 -0.34
C MET A 276 1.03 18.05 -0.16
N LEU A 277 1.47 16.95 -0.78
CA LEU A 277 0.77 15.66 -0.62
C LEU A 277 0.85 15.17 0.82
N ASN A 278 1.98 15.38 1.47
CA ASN A 278 2.12 15.01 2.87
C ASN A 278 1.18 15.74 3.81
N ARG A 279 0.88 17.02 3.52
CA ARG A 279 -0.01 17.76 4.41
C ARG A 279 -1.43 17.20 4.29
N LEU A 280 -1.82 16.82 3.08
CA LEU A 280 -3.09 16.17 2.85
C LEU A 280 -3.17 14.77 3.50
N PHE A 281 -2.08 14.02 3.44
CA PHE A 281 -1.99 12.71 4.03
C PHE A 281 -2.07 12.80 5.57
N ASN A 282 -1.40 13.76 6.16
CA ASN A 282 -1.48 13.93 7.62
C ASN A 282 -2.81 14.51 8.12
N MET A 283 -3.38 15.44 7.37
CA MET A 283 -4.64 16.06 7.79
C MET A 283 -5.82 15.06 7.60
N TYR A 284 -5.89 14.41 6.45
CA TYR A 284 -7.07 13.61 6.11
C TYR A 284 -6.85 12.11 6.10
N ILE A 285 -5.99 11.59 5.22
CA ILE A 285 -5.81 10.15 5.08
C ILE A 285 -5.51 9.50 6.46
N ARG A 286 -4.57 10.06 7.21
CA ARG A 286 -4.26 9.51 8.54
C ARG A 286 -5.47 9.51 9.47
N ARG A 287 -6.44 10.38 9.21
CA ARG A 287 -7.64 10.45 10.03
C ARG A 287 -8.84 9.69 9.46
N GLY A 288 -8.60 8.87 8.43
CA GLY A 288 -9.65 8.04 7.85
C GLY A 288 -10.53 8.77 6.85
N VAL A 289 -10.10 9.93 6.40
CA VAL A 289 -10.89 10.70 5.46
C VAL A 289 -10.19 10.68 4.12
N PRO A 290 -10.83 10.11 3.10
CA PRO A 290 -10.22 10.08 1.79
C PRO A 290 -10.02 11.44 1.12
N VAL A 291 -8.99 11.54 0.29
CA VAL A 291 -8.69 12.71 -0.50
C VAL A 291 -8.58 12.26 -1.95
N TYR A 292 -9.11 13.02 -2.89
CA TYR A 292 -8.80 12.79 -4.31
C TYR A 292 -8.50 14.11 -5.02
N PHE A 293 -7.72 14.05 -6.10
CA PHE A 293 -7.51 15.23 -6.92
C PHE A 293 -8.57 15.15 -7.99
N GLY A 294 -9.55 16.03 -7.91
CA GLY A 294 -10.58 16.14 -8.93
C GLY A 294 -9.97 16.55 -10.26
N GLU A 295 -8.91 17.35 -10.18
CA GLU A 295 -8.16 17.78 -11.34
C GLU A 295 -6.67 17.88 -11.00
N PHE A 296 -5.84 17.31 -11.87
CA PHE A 296 -4.41 17.54 -11.87
C PHE A 296 -3.96 17.38 -13.32
N GLY A 297 -2.78 17.91 -13.64
CA GLY A 297 -2.21 17.75 -14.98
C GLY A 297 -1.04 18.67 -15.32
N ALA A 298 -0.42 18.39 -16.46
CA ALA A 298 0.53 19.29 -17.06
C ALA A 298 0.33 19.23 -18.56
N VAL A 299 0.42 20.37 -19.23
CA VAL A 299 0.16 20.47 -20.63
C VAL A 299 1.25 19.77 -21.45
N ARG A 300 0.94 19.56 -22.72
CA ARG A 300 1.82 18.92 -23.66
C ARG A 300 2.91 19.84 -24.16
N ARG A 301 4.09 19.27 -24.42
CA ARG A 301 5.25 20.04 -24.94
C ARG A 301 5.52 19.83 -26.44
N ALA A 302 6.12 20.84 -27.08
CA ALA A 302 6.43 20.74 -28.51
C ALA A 302 7.62 19.88 -28.78
N SER A 303 8.62 19.93 -27.92
CA SER A 303 9.84 19.13 -28.17
C SER A 303 9.82 17.83 -27.37
N LYS A 304 10.35 16.78 -27.98
CA LYS A 304 10.46 15.47 -27.36
C LYS A 304 11.20 15.50 -26.06
N ALA A 305 12.28 16.28 -26.03
CA ALA A 305 13.08 16.38 -24.82
C ALA A 305 12.28 17.01 -23.67
N ASP A 306 11.51 18.07 -23.94
CA ASP A 306 10.64 18.67 -22.88
C ASP A 306 9.51 17.70 -22.52
N GLU A 307 8.94 17.03 -23.51
CA GLU A 307 7.91 16.04 -23.21
C GLU A 307 8.38 14.99 -22.20
N GLU A 308 9.63 14.55 -22.28
CA GLU A 308 10.18 13.60 -21.29
C GLU A 308 10.10 14.15 -19.84
N PHE A 309 10.27 15.46 -19.69
CA PHE A 309 10.08 16.08 -18.37
C PHE A 309 8.62 16.02 -17.93
N ARG A 310 7.70 16.10 -18.88
CA ARG A 310 6.28 15.97 -18.58
C ARG A 310 5.94 14.59 -18.11
N LEU A 311 6.47 13.57 -18.79
CA LEU A 311 6.27 12.19 -18.37
C LEU A 311 6.90 11.96 -16.99
N TYR A 312 8.09 12.51 -16.76
CA TYR A 312 8.74 12.39 -15.48
C TYR A 312 7.88 12.97 -14.34
N TYR A 313 7.33 14.17 -14.57
CA TYR A 313 6.42 14.82 -13.64
C TYR A 313 5.26 13.91 -13.27
N PHE A 314 4.63 13.33 -14.29
CA PHE A 314 3.54 12.44 -14.07
C PHE A 314 3.98 11.23 -13.28
N ARG A 315 5.04 10.57 -13.70
CA ARG A 315 5.46 9.36 -13.00
C ARG A 315 5.68 9.66 -11.52
N TYR A 316 6.32 10.79 -11.23
CA TYR A 316 6.76 11.07 -9.90
C TYR A 316 5.60 11.45 -8.98
N ILE A 317 4.81 12.42 -9.41
CA ILE A 317 3.69 12.84 -8.57
C ILE A 317 2.65 11.74 -8.42
N CYS A 318 2.41 10.98 -9.48
CA CYS A 318 1.40 9.94 -9.37
C CYS A 318 1.84 8.79 -8.42
N LYS A 319 3.14 8.51 -8.33
CA LYS A 319 3.63 7.54 -7.40
C LYS A 319 3.46 8.05 -5.98
N ALA A 320 3.82 9.29 -5.78
CA ALA A 320 3.68 9.93 -4.49
C ALA A 320 2.24 9.91 -4.01
N MET A 321 1.30 10.10 -4.93
CA MET A 321 -0.12 9.99 -4.62
C MET A 321 -0.45 8.56 -4.19
N ARG A 322 -0.11 7.60 -5.04
CA ARG A 322 -0.43 6.22 -4.71
C ARG A 322 0.02 5.89 -3.27
N ASP A 323 1.24 6.24 -2.92
CA ASP A 323 1.82 5.85 -1.66
C ASP A 323 1.11 6.53 -0.48
N ARG A 324 0.43 7.66 -0.74
CA ARG A 324 -0.37 8.34 0.26
C ARG A 324 -1.88 8.05 0.17
N ARG A 325 -2.22 7.01 -0.59
CA ARG A 325 -3.57 6.49 -0.71
C ARG A 325 -4.50 7.51 -1.31
N ILE A 326 -3.93 8.34 -2.19
CA ILE A 326 -4.64 9.40 -2.87
C ILE A 326 -4.85 9.06 -4.35
N SER A 327 -6.07 9.25 -4.82
CA SER A 327 -6.44 9.03 -6.20
C SER A 327 -6.53 10.38 -6.87
N ALA A 328 -6.55 10.38 -8.21
CA ALA A 328 -6.42 11.62 -8.96
C ALA A 328 -6.93 11.50 -10.38
N LEU A 329 -7.61 12.55 -10.84
CA LEU A 329 -8.17 12.57 -12.18
C LEU A 329 -7.55 13.63 -13.09
N TYR A 330 -6.98 13.16 -14.19
CA TYR A 330 -6.29 14.08 -15.12
C TYR A 330 -7.27 15.00 -15.85
N TRP A 331 -6.91 16.26 -16.00
CA TRP A 331 -7.74 17.21 -16.70
C TRP A 331 -7.51 17.13 -18.23
N ASP A 332 -8.55 16.69 -18.95
CA ASP A 332 -8.47 16.61 -20.41
C ASP A 332 -9.52 17.54 -21.02
N ASN A 333 -9.08 18.61 -21.67
CA ASN A 333 -10.02 19.53 -22.33
C ASN A 333 -10.16 19.30 -23.83
N GLY A 334 -9.56 18.23 -24.35
CA GLY A 334 -9.66 17.88 -25.78
C GLY A 334 -8.74 18.63 -26.72
N ASN A 335 -7.97 19.58 -26.18
CA ASN A 335 -7.11 20.45 -26.98
C ASN A 335 -5.76 19.79 -27.24
N SER A 336 -5.42 19.59 -28.51
CA SER A 336 -4.21 18.87 -28.89
C SER A 336 -2.94 19.77 -29.08
N LYS A 337 -3.11 21.09 -29.06
CA LYS A 337 -1.99 22.01 -29.15
C LYS A 337 -0.99 21.74 -28.01
N ALA A 338 0.24 22.19 -28.20
CA ALA A 338 1.27 22.13 -27.18
C ALA A 338 1.25 23.44 -26.45
N GLY A 339 1.75 23.42 -25.22
CA GLY A 339 1.86 24.60 -24.43
C GLY A 339 0.55 24.93 -23.78
N ASN A 340 0.39 26.20 -23.46
CA ASN A 340 -0.73 26.75 -22.76
C ASN A 340 -2.05 26.06 -23.14
N ASP A 341 -2.70 25.47 -22.14
CA ASP A 341 -4.01 24.89 -22.28
C ASP A 341 -4.05 23.59 -23.10
N GLY A 342 -2.87 23.03 -23.37
CA GLY A 342 -2.77 21.84 -24.20
C GLY A 342 -2.88 20.55 -23.42
N PHE A 343 -4.09 20.26 -22.97
CA PHE A 343 -4.33 19.14 -22.04
C PHE A 343 -4.91 17.90 -22.71
N GLY A 344 -5.38 18.02 -23.94
CA GLY A 344 -6.00 16.88 -24.61
C GLY A 344 -5.05 15.72 -24.86
N VAL A 345 -5.42 14.53 -24.35
CA VAL A 345 -4.71 13.28 -24.64
C VAL A 345 -5.63 12.20 -25.21
N ILE A 346 -6.94 12.30 -24.97
CA ILE A 346 -7.91 11.33 -25.51
C ILE A 346 -9.09 12.04 -26.17
N ASP A 347 -9.42 11.65 -27.39
CA ASP A 347 -10.52 12.27 -28.12
C ASP A 347 -11.82 12.06 -27.40
N HIS A 348 -12.61 13.11 -27.27
CA HIS A 348 -13.81 13.05 -26.45
C HIS A 348 -14.98 12.31 -27.12
N ALA A 349 -14.93 12.17 -28.45
CA ALA A 349 -15.98 11.49 -29.18
C ALA A 349 -15.69 10.01 -29.43
N THR A 350 -14.40 9.67 -29.56
CA THR A 350 -14.00 8.32 -29.98
C THR A 350 -13.29 7.51 -28.93
N GLY A 351 -12.81 8.16 -27.88
CA GLY A 351 -11.93 7.51 -26.90
C GLY A 351 -10.58 7.02 -27.40
N ARG A 352 -10.15 7.46 -28.58
CA ARG A 352 -8.82 7.15 -29.09
C ARG A 352 -7.81 8.22 -28.67
N PHE A 353 -6.54 7.86 -28.61
CA PHE A 353 -5.46 8.79 -28.24
C PHE A 353 -5.29 9.90 -29.25
N ILE A 354 -5.00 11.09 -28.74
CA ILE A 354 -4.66 12.23 -29.56
C ILE A 354 -3.13 12.40 -29.56
N GLY A 355 -2.55 12.49 -30.74
CA GLY A 355 -1.09 12.67 -30.89
C GLY A 355 -0.28 11.66 -30.07
N ASN A 356 0.63 12.15 -29.22
CA ASN A 356 1.41 11.28 -28.33
C ASN A 356 0.74 11.09 -26.92
N GLY A 357 -0.58 11.21 -26.88
CA GLY A 357 -1.33 11.13 -25.63
C GLY A 357 -1.16 9.83 -24.86
N GLU A 358 -0.92 8.75 -25.59
CA GLU A 358 -0.75 7.45 -24.96
C GLU A 358 0.42 7.39 -23.97
N GLN A 359 1.56 7.99 -24.31
CA GLN A 359 2.71 8.03 -23.42
C GLN A 359 2.37 8.71 -22.09
N ALA A 360 1.65 9.83 -22.14
CA ALA A 360 1.29 10.54 -20.92
C ALA A 360 0.37 9.72 -20.06
N VAL A 361 -0.62 9.12 -20.69
CA VAL A 361 -1.62 8.32 -20.02
C VAL A 361 -0.94 7.13 -19.33
N ARG A 362 -0.08 6.44 -20.07
CA ARG A 362 0.66 5.32 -19.52
C ARG A 362 1.55 5.76 -18.35
N ALA A 363 2.15 6.93 -18.49
CA ALA A 363 3.04 7.43 -17.48
C ALA A 363 2.30 7.60 -16.15
N MET A 364 1.17 8.30 -16.19
CA MET A 364 0.43 8.56 -14.98
C MET A 364 -0.19 7.27 -14.39
N ILE A 365 -0.86 6.48 -15.23
CA ILE A 365 -1.54 5.29 -14.75
C ILE A 365 -0.56 4.20 -14.26
N ASP A 366 0.44 3.88 -15.07
CA ASP A 366 1.35 2.80 -14.67
C ASP A 366 2.09 3.15 -13.39
N SER A 367 2.38 4.42 -13.18
CA SER A 367 3.20 4.80 -12.04
C SER A 367 2.39 4.61 -10.79
N TRP A 368 1.13 5.01 -10.83
CA TRP A 368 0.21 4.84 -9.72
C TRP A 368 -0.03 3.38 -9.39
N GLU A 369 -0.21 2.57 -10.43
CA GLU A 369 -0.64 1.17 -10.22
C GLU A 369 0.46 0.24 -9.81
N ASN A 370 1.69 0.65 -10.06
CA ASN A 370 2.85 -0.22 -9.91
C ASN A 370 2.96 -0.77 -8.48
N ASN A 371 3.07 -2.10 -8.36
CA ASN A 371 3.18 -2.77 -7.07
C ASN A 371 4.52 -3.47 -6.88
N ASP A 372 5.55 -2.98 -7.56
CA ASP A 372 6.90 -3.48 -7.39
C ASP A 372 7.55 -2.70 -6.24
N PRO A 373 7.94 -3.37 -5.13
CA PRO A 373 8.40 -2.57 -4.01
C PRO A 373 9.74 -1.88 -4.26
N ASN A 374 10.43 -2.25 -5.33
CA ASN A 374 11.66 -1.57 -5.77
C ASN A 374 11.41 -0.30 -6.58
N TYR A 375 10.17 -0.12 -7.01
CA TYR A 375 9.81 1.08 -7.70
C TYR A 375 9.37 2.09 -6.67
N THR A 376 10.17 3.13 -6.49
CA THR A 376 10.00 4.12 -5.42
C THR A 376 10.19 5.52 -5.98
N LEU A 377 9.93 6.53 -5.16
CA LEU A 377 10.27 7.88 -5.54
C LEU A 377 11.78 8.01 -5.86
N GLN A 378 12.65 7.37 -5.07
CA GLN A 378 14.10 7.33 -5.35
C GLN A 378 14.41 6.82 -6.77
N SER A 379 13.87 5.66 -7.17
CA SER A 379 14.17 5.10 -8.49
C SER A 379 13.67 6.03 -9.59
N ILE A 380 12.52 6.65 -9.37
CA ILE A 380 11.97 7.55 -10.40
C ILE A 380 12.88 8.77 -10.54
N TYR A 381 13.18 9.36 -9.40
CA TYR A 381 14.14 10.48 -9.26
C TYR A 381 15.44 10.22 -9.96
N ASP A 382 16.02 9.02 -9.75
CA ASP A 382 17.34 8.66 -10.30
C ASP A 382 17.29 8.47 -11.80
N SER A 383 16.11 8.27 -12.36
CA SER A 383 15.99 8.15 -13.81
C SER A 383 15.38 9.40 -14.47
N ALA A 384 15.46 10.55 -13.79
CA ALA A 384 14.93 11.79 -14.34
C ALA A 384 15.69 12.09 -15.65
N PRO A 385 15.01 12.66 -16.66
CA PRO A 385 15.66 12.84 -17.95
C PRO A 385 16.67 13.98 -17.97
N GLU A 386 17.44 14.01 -19.04
CA GLU A 386 18.48 14.99 -19.18
C GLU A 386 17.91 16.31 -19.73
N SER A 387 18.39 17.44 -19.21
CA SER A 387 17.94 18.75 -19.67
C SER A 387 18.44 18.97 -21.11
N SER A 388 17.59 19.55 -21.97
CA SER A 388 17.99 19.86 -23.34
C SER A 388 18.48 21.30 -23.48
N ARG A 389 18.66 22.02 -22.38
CA ARG A 389 19.23 23.37 -22.48
C ARG A 389 20.76 23.31 -22.62
N ARG B 1 -5.57 -10.27 -8.02
CA ARG B 1 -4.10 -10.03 -7.83
C ARG B 1 -3.53 -10.94 -6.71
N PRO B 2 -2.77 -12.00 -7.08
CA PRO B 2 -2.40 -12.98 -6.08
C PRO B 2 -1.69 -12.47 -4.82
N MET B 3 -0.82 -11.46 -4.93
CA MET B 3 -0.14 -10.92 -3.73
C MET B 3 -1.10 -10.29 -2.73
N ASP B 4 -2.30 -9.97 -3.18
CA ASP B 4 -3.34 -9.38 -2.33
C ASP B 4 -4.21 -10.43 -1.63
N ASN B 5 -3.88 -11.72 -1.74
CA ASN B 5 -4.78 -12.76 -1.25
C ASN B 5 -4.69 -13.00 0.28
N GLU B 6 -5.58 -13.83 0.76
CA GLU B 6 -5.77 -14.06 2.18
C GLU B 6 -4.54 -14.74 2.82
N ALA B 7 -3.88 -15.61 2.06
CA ALA B 7 -2.72 -16.35 2.53
C ALA B 7 -1.50 -15.44 2.78
N VAL B 8 -1.27 -14.50 1.88
CA VAL B 8 -0.21 -13.56 2.04
C VAL B 8 -0.53 -12.58 3.16
N GLN B 9 -1.80 -12.21 3.33
CA GLN B 9 -2.19 -11.41 4.49
C GLN B 9 -1.89 -12.11 5.81
N PHE B 10 -2.14 -13.42 5.85
CA PHE B 10 -1.84 -14.19 7.05
C PHE B 10 -0.34 -14.21 7.33
N GLY B 11 0.44 -14.44 6.27
CA GLY B 11 1.88 -14.32 6.31
C GLY B 11 2.30 -13.03 6.97
N MET B 12 1.82 -11.91 6.44
CA MET B 12 2.08 -10.60 7.01
C MET B 12 1.56 -10.42 8.44
N SER B 13 0.52 -11.10 8.83
CA SER B 13 0.04 -10.96 10.19
C SER B 13 1.07 -11.50 11.23
N MET B 14 2.04 -12.32 10.85
CA MET B 14 3.08 -12.73 11.78
C MET B 14 4.11 -11.62 12.08
N GLY B 15 4.16 -10.61 11.21
CA GLY B 15 4.97 -9.42 11.40
C GLY B 15 6.43 -9.72 11.71
N ILE B 16 6.93 -9.14 12.78
CA ILE B 16 8.21 -9.56 13.33
C ILE B 16 7.90 -10.36 14.58
N GLY B 17 8.53 -11.53 14.67
CA GLY B 17 8.36 -12.43 15.78
C GLY B 17 9.69 -12.79 16.42
N TRP B 18 9.67 -13.83 17.26
CA TRP B 18 10.77 -14.14 18.12
C TRP B 18 10.83 -15.64 18.35
N ASN B 19 12.02 -16.22 18.31
CA ASN B 19 12.25 -17.62 18.63
C ASN B 19 12.63 -17.85 20.10
N LEU B 20 11.87 -18.73 20.75
CA LEU B 20 12.29 -19.35 21.95
C LEU B 20 13.41 -20.35 21.62
N GLY B 21 14.57 -19.84 21.27
CA GLY B 21 15.68 -20.69 20.84
C GLY B 21 16.46 -21.27 21.99
N ASN B 22 17.24 -22.32 21.69
CA ASN B 22 18.01 -23.08 22.65
C ASN B 22 17.19 -23.40 23.88
N GLN B 23 15.96 -23.86 23.66
CA GLN B 23 15.02 -24.10 24.72
C GLN B 23 14.51 -25.52 24.55
N MET B 24 13.39 -25.72 23.84
CA MET B 24 12.84 -27.07 23.62
C MET B 24 13.60 -27.80 22.51
N ASP B 25 14.45 -27.06 21.81
CA ASP B 25 15.42 -27.60 20.84
C ASP B 25 16.72 -27.88 21.56
N ASN B 39 19.47 -21.87 29.38
CA ASN B 39 18.19 -21.16 29.52
C ASN B 39 17.26 -21.74 30.57
N LYS B 40 16.63 -20.88 31.34
CA LYS B 40 15.67 -21.34 32.34
C LYS B 40 14.30 -21.51 31.69
N ALA B 41 13.38 -22.14 32.40
CA ALA B 41 12.09 -22.55 31.86
C ALA B 41 11.22 -21.36 31.47
N ALA B 42 10.56 -21.46 30.32
CA ALA B 42 9.62 -20.39 29.90
C ALA B 42 8.35 -20.34 30.76
N THR B 43 7.81 -19.15 30.94
CA THR B 43 6.60 -18.95 31.75
C THR B 43 5.60 -18.13 30.93
N GLN B 44 4.40 -17.96 31.46
CA GLN B 44 3.44 -17.07 30.85
C GLN B 44 4.07 -15.68 30.69
N GLN B 45 4.82 -15.28 31.70
CA GLN B 45 5.47 -13.98 31.71
C GLN B 45 6.35 -13.78 30.47
N THR B 46 7.07 -14.84 30.09
CA THR B 46 7.90 -14.81 28.93
C THR B 46 7.10 -14.29 27.75
N PHE B 47 5.96 -14.93 27.50
CA PHE B 47 5.15 -14.62 26.33
C PHE B 47 4.44 -13.28 26.45
N ASN B 48 4.01 -12.94 27.65
CA ASN B 48 3.47 -11.61 27.91
C ASN B 48 4.46 -10.52 27.45
N GLY B 49 5.73 -10.62 27.89
CA GLY B 49 6.75 -9.63 27.52
C GLY B 49 7.01 -9.54 26.01
N LEU B 50 6.89 -10.66 25.29
CA LEU B 50 6.99 -10.67 23.84
C LEU B 50 5.88 -9.83 23.23
N ALA B 51 4.65 -10.08 23.66
CA ALA B 51 3.50 -9.37 23.11
C ALA B 51 3.59 -7.88 23.39
N LYS B 52 4.00 -7.56 24.61
CA LYS B 52 4.20 -6.19 25.06
C LYS B 52 5.20 -5.40 24.23
N ALA B 53 6.26 -6.08 23.82
CA ALA B 53 7.32 -5.46 23.07
C ALA B 53 6.88 -5.20 21.63
N GLY B 54 5.84 -5.91 21.19
CA GLY B 54 5.24 -5.73 19.87
C GLY B 54 5.41 -6.86 18.87
N PHE B 55 6.06 -7.96 19.29
CA PHE B 55 6.16 -9.13 18.41
C PHE B 55 4.74 -9.68 18.21
N ARG B 56 4.46 -10.13 17.00
CA ARG B 56 3.16 -10.66 16.65
C ARG B 56 3.15 -12.17 16.58
N SER B 57 4.33 -12.78 16.62
CA SER B 57 4.42 -14.22 16.47
C SER B 57 5.55 -14.76 17.29
N VAL B 58 5.54 -16.06 17.50
CA VAL B 58 6.58 -16.73 18.23
C VAL B 58 6.82 -18.11 17.63
N ARG B 59 8.08 -18.49 17.51
CA ARG B 59 8.42 -19.81 17.02
C ARG B 59 9.02 -20.61 18.15
N ILE B 60 8.45 -21.76 18.43
CA ILE B 60 8.94 -22.63 19.48
C ILE B 60 9.55 -23.84 18.82
N PRO B 61 10.85 -23.79 18.52
CA PRO B 61 11.46 -24.97 17.93
C PRO B 61 11.51 -26.09 18.95
N VAL B 62 11.10 -27.28 18.53
CA VAL B 62 11.08 -28.45 19.40
C VAL B 62 11.93 -29.57 18.79
N THR B 63 12.83 -30.13 19.60
CA THR B 63 13.58 -31.30 19.21
C THR B 63 12.93 -32.48 19.93
N TRP B 64 12.46 -33.44 19.14
CA TRP B 64 11.62 -34.52 19.63
C TRP B 64 12.43 -35.76 19.97
N MET B 65 13.58 -35.91 19.31
CA MET B 65 14.58 -36.93 19.59
C MET B 65 14.77 -37.11 21.11
N GLY B 66 14.78 -38.35 21.58
CA GLY B 66 14.87 -38.63 23.01
C GLY B 66 13.53 -38.69 23.73
N HIS B 67 12.43 -38.30 23.08
CA HIS B 67 11.10 -38.50 23.66
C HIS B 67 10.20 -39.31 22.73
N ILE B 68 10.80 -40.13 21.87
CA ILE B 68 10.08 -40.93 20.88
C ILE B 68 10.25 -42.40 21.22
N GLY B 69 9.17 -43.08 21.59
CA GLY B 69 9.16 -44.53 21.78
C GLY B 69 9.47 -45.28 20.47
N ASN B 70 9.44 -46.61 20.51
CA ASN B 70 9.88 -47.39 19.36
C ASN B 70 8.89 -47.44 18.21
N ALA B 71 9.42 -47.78 17.03
CA ALA B 71 8.59 -48.17 15.88
C ALA B 71 7.74 -49.37 16.29
N PRO B 72 6.56 -49.54 15.66
CA PRO B 72 6.01 -48.74 14.56
C PRO B 72 5.23 -47.49 14.99
N THR B 73 4.87 -47.36 16.27
CA THR B 73 4.00 -46.27 16.72
C THR B 73 4.69 -44.95 16.97
N TYR B 74 5.98 -45.01 17.33
CA TYR B 74 6.78 -43.81 17.68
C TYR B 74 6.07 -42.88 18.67
N ALA B 75 5.51 -43.46 19.71
CA ALA B 75 4.73 -42.72 20.69
C ALA B 75 5.57 -41.63 21.33
N ILE B 76 5.05 -40.41 21.31
CA ILE B 76 5.72 -39.29 21.93
C ILE B 76 5.43 -39.36 23.44
N GLU B 77 6.47 -39.17 24.24
CA GLU B 77 6.32 -39.17 25.68
C GLU B 77 5.32 -38.08 26.04
N ARG B 78 4.34 -38.42 26.88
CA ARG B 78 3.21 -37.54 27.08
C ARG B 78 3.54 -36.25 27.82
N GLY B 79 4.49 -36.33 28.76
CA GLY B 79 4.96 -35.15 29.48
C GLY B 79 5.59 -34.11 28.56
N TRP B 80 6.41 -34.57 27.62
CA TRP B 80 7.04 -33.69 26.64
C TRP B 80 5.93 -33.00 25.84
N LEU B 81 5.05 -33.77 25.24
CA LEU B 81 3.93 -33.18 24.53
C LEU B 81 3.11 -32.21 25.40
N ASP B 82 2.90 -32.57 26.67
CA ASP B 82 2.18 -31.72 27.64
C ASP B 82 2.85 -30.36 27.74
N ARG B 83 4.17 -30.35 27.92
CA ARG B 83 4.94 -29.10 27.94
C ARG B 83 4.85 -28.30 26.63
N VAL B 84 4.97 -28.95 25.47
CA VAL B 84 4.76 -28.21 24.18
C VAL B 84 3.36 -27.60 24.12
N ASP B 85 2.34 -28.43 24.45
CA ASP B 85 0.94 -28.02 24.50
C ASP B 85 0.78 -26.76 25.37
N GLU B 86 1.39 -26.83 26.55
CA GLU B 86 1.36 -25.78 27.53
C GLU B 86 1.96 -24.50 26.97
N LEU B 87 3.16 -24.58 26.41
CA LEU B 87 3.81 -23.37 25.87
C LEU B 87 3.03 -22.75 24.69
N VAL B 88 2.57 -23.60 23.78
CA VAL B 88 1.73 -23.13 22.69
C VAL B 88 0.55 -22.31 23.24
N HIS B 89 -0.07 -22.79 24.31
CA HIS B 89 -1.23 -22.09 24.87
C HIS B 89 -0.92 -20.89 25.74
N MET B 90 0.28 -20.85 26.32
CA MET B 90 0.74 -19.60 26.96
C MET B 90 0.89 -18.49 25.91
N ALA B 91 1.43 -18.85 24.75
CA ALA B 91 1.59 -17.92 23.65
C ALA B 91 0.27 -17.42 23.11
N HIS B 92 -0.70 -18.30 23.06
CA HIS B 92 -2.04 -17.95 22.59
C HIS B 92 -2.73 -17.01 23.59
N LYS B 93 -2.52 -17.26 24.87
CA LYS B 93 -3.05 -16.39 25.92
C LYS B 93 -2.54 -14.95 25.72
N ALA B 94 -1.30 -14.81 25.27
CA ALA B 94 -0.73 -13.49 25.00
C ALA B 94 -1.05 -12.92 23.60
N GLY B 95 -1.92 -13.59 22.84
CA GLY B 95 -2.35 -13.05 21.54
C GLY B 95 -1.34 -13.19 20.42
N LEU B 96 -0.42 -14.14 20.54
CA LEU B 96 0.61 -14.35 19.53
C LEU B 96 0.26 -15.49 18.58
N ILE B 97 0.63 -15.32 17.32
CA ILE B 97 0.64 -16.40 16.36
C ILE B 97 1.79 -17.33 16.67
N VAL B 98 1.56 -18.63 16.61
CA VAL B 98 2.54 -19.60 17.11
C VAL B 98 3.01 -20.61 16.09
N ILE B 99 4.31 -20.87 16.04
CA ILE B 99 4.87 -21.87 15.13
C ILE B 99 5.64 -22.97 15.86
N ILE B 100 5.30 -24.22 15.62
CA ILE B 100 6.10 -25.31 16.17
C ILE B 100 6.60 -26.17 15.03
N ASN B 101 7.56 -27.04 15.33
CA ASN B 101 8.21 -27.82 14.29
C ASN B 101 8.89 -29.11 14.79
N ILE B 102 9.60 -29.75 13.87
CA ILE B 102 10.60 -30.74 14.16
C ILE B 102 11.94 -30.09 13.85
N HIS B 103 12.78 -29.90 14.89
CA HIS B 103 13.98 -29.06 14.81
C HIS B 103 15.25 -29.88 14.87
N TRP B 119 18.04 -39.45 13.90
CA TRP B 119 17.18 -40.32 13.08
C TRP B 119 16.78 -39.68 11.76
N LEU B 120 16.65 -38.36 11.74
CA LEU B 120 16.25 -37.62 10.54
C LEU B 120 17.46 -37.35 9.61
N ASP B 121 17.90 -38.41 8.93
CA ASP B 121 19.22 -38.45 8.30
C ASP B 121 19.15 -38.40 6.78
N LEU B 122 19.51 -37.24 6.21
CA LEU B 122 19.38 -37.05 4.75
C LEU B 122 20.39 -37.88 3.94
N PRO B 123 21.68 -37.88 4.32
CA PRO B 123 22.58 -38.79 3.62
C PRO B 123 22.09 -40.26 3.59
N ALA B 124 21.58 -40.74 4.71
CA ALA B 124 21.15 -42.14 4.83
C ALA B 124 19.87 -42.43 4.05
N ALA B 125 18.98 -41.43 3.93
CA ALA B 125 17.77 -41.57 3.10
C ALA B 125 18.13 -41.62 1.62
N VAL B 126 19.11 -40.80 1.22
CA VAL B 126 19.64 -40.84 -0.14
C VAL B 126 20.29 -42.19 -0.39
N ALA B 127 21.05 -42.68 0.59
CA ALA B 127 21.78 -43.95 0.47
C ALA B 127 20.89 -45.14 0.14
N SER B 128 19.71 -45.20 0.73
CA SER B 128 18.78 -46.31 0.49
C SER B 128 17.32 -45.89 0.64
N GLU B 129 16.46 -46.40 -0.26
CA GLU B 129 15.03 -46.11 -0.22
C GLU B 129 14.36 -46.80 1.00
N GLU B 130 14.96 -47.87 1.52
CA GLU B 130 14.42 -48.55 2.72
C GLU B 130 14.56 -47.67 3.97
N ARG B 131 15.71 -47.02 4.13
CA ARG B 131 15.92 -46.10 5.22
C ARG B 131 15.09 -44.83 5.00
N ASN B 132 14.93 -44.41 3.75
CA ASN B 132 14.03 -43.29 3.42
C ASN B 132 12.59 -43.63 3.82
N GLN B 133 12.20 -44.88 3.65
CA GLN B 133 10.86 -45.30 4.06
C GLN B 133 10.66 -45.28 5.59
N LEU B 134 11.63 -45.77 6.35
CA LEU B 134 11.52 -45.68 7.82
C LEU B 134 11.39 -44.23 8.27
N ILE B 135 12.22 -43.35 7.73
CA ILE B 135 12.20 -41.94 8.13
C ILE B 135 10.84 -41.32 7.84
N LYS B 136 10.28 -41.62 6.68
CA LYS B 136 8.96 -41.11 6.30
C LYS B 136 7.83 -41.60 7.20
N GLN B 137 7.87 -42.87 7.60
CA GLN B 137 6.91 -43.43 8.56
C GLN B 137 6.99 -42.69 9.88
N GLU B 138 8.21 -42.48 10.37
CA GLU B 138 8.43 -41.78 11.63
C GLU B 138 7.93 -40.35 11.57
N LEU B 139 8.26 -39.64 10.49
CA LEU B 139 7.71 -38.28 10.28
C LEU B 139 6.18 -38.33 10.30
N THR B 140 5.60 -39.35 9.66
CA THR B 140 4.13 -39.48 9.62
C THR B 140 3.51 -39.70 11.03
N MET B 141 4.02 -40.67 11.75
CA MET B 141 3.52 -40.94 13.10
C MET B 141 3.68 -39.75 14.04
N ILE B 142 4.78 -39.02 13.92
CA ILE B 142 5.03 -37.86 14.78
C ILE B 142 4.03 -36.76 14.48
N TRP B 143 3.87 -36.44 13.21
CA TRP B 143 2.99 -35.32 12.86
C TRP B 143 1.54 -35.67 13.13
N LEU B 144 1.16 -36.92 12.93
CA LEU B 144 -0.18 -37.36 13.29
C LEU B 144 -0.48 -37.08 14.79
N GLN B 145 0.48 -37.36 15.67
CA GLN B 145 0.27 -37.18 17.11
C GLN B 145 0.23 -35.69 17.44
N ILE B 146 1.19 -34.95 16.92
CA ILE B 146 1.17 -33.52 17.15
C ILE B 146 -0.19 -32.95 16.68
N GLY B 147 -0.56 -33.25 15.44
CA GLY B 147 -1.86 -32.83 14.91
C GLY B 147 -3.04 -33.19 15.79
N LYS B 148 -3.06 -34.41 16.30
CA LYS B 148 -4.17 -34.87 17.12
C LYS B 148 -4.24 -34.10 18.42
N ARG B 149 -3.09 -33.77 18.98
CA ARG B 149 -3.09 -33.03 20.22
C ARG B 149 -3.72 -31.66 20.02
N PHE B 150 -3.47 -31.04 18.87
CA PHE B 150 -3.88 -29.67 18.63
C PHE B 150 -5.08 -29.56 17.67
N ALA B 151 -5.92 -30.59 17.63
CA ALA B 151 -7.01 -30.63 16.63
C ALA B 151 -8.09 -29.56 16.80
N ASN B 152 -8.21 -29.02 18.02
CA ASN B 152 -9.16 -27.96 18.29
C ASN B 152 -8.53 -26.56 18.30
N ASP B 153 -7.26 -26.47 17.92
CA ASP B 153 -6.53 -25.18 17.88
C ASP B 153 -6.46 -24.64 16.46
N GLY B 154 -6.98 -23.42 16.29
CA GLY B 154 -7.18 -22.83 14.97
C GLY B 154 -5.96 -22.25 14.26
N GLU B 155 -6.23 -21.40 13.28
CA GLU B 155 -5.17 -21.00 12.36
C GLU B 155 -4.12 -20.06 12.99
N TRP B 156 -4.33 -19.64 14.24
CA TRP B 156 -3.30 -18.95 14.99
C TRP B 156 -2.12 -19.86 15.28
N LEU B 157 -2.31 -21.18 15.21
CA LEU B 157 -1.20 -22.13 15.38
C LEU B 157 -0.72 -22.65 14.02
N VAL B 158 0.56 -22.40 13.72
CA VAL B 158 1.19 -22.82 12.46
C VAL B 158 2.13 -24.01 12.72
N PHE B 159 2.14 -24.99 11.81
CA PHE B 159 3.09 -26.12 11.84
C PHE B 159 4.13 -25.94 10.75
N GLU B 160 5.40 -26.00 11.14
CA GLU B 160 6.52 -25.97 10.19
C GLU B 160 7.08 -27.39 10.10
N THR B 161 6.97 -27.98 8.90
CA THR B 161 7.25 -29.39 8.74
C THR B 161 8.59 -29.87 9.30
N LEU B 162 9.65 -29.20 8.88
CA LEU B 162 11.04 -29.55 9.19
C LEU B 162 11.87 -28.29 9.34
N ASN B 163 13.07 -28.39 9.89
CA ASN B 163 13.88 -27.20 10.10
C ASN B 163 14.89 -26.96 8.96
N ALA B 164 16.15 -27.30 9.17
CA ALA B 164 17.19 -26.95 8.21
C ALA B 164 17.92 -28.23 7.90
N ILE B 165 17.45 -28.92 6.88
CA ILE B 165 17.95 -30.26 6.56
C ILE B 165 19.13 -30.09 5.62
N GLN B 166 20.15 -30.95 5.81
CA GLN B 166 21.41 -30.85 5.05
C GLN B 166 22.34 -32.04 5.31
N ASP B 167 23.47 -32.10 4.59
CA ASP B 167 24.39 -33.25 4.69
C ASP B 167 25.66 -32.99 5.54
N GLY B 168 25.79 -31.78 6.09
CA GLY B 168 27.00 -31.36 6.80
C GLY B 168 27.70 -30.16 6.17
N ASP B 169 27.63 -30.02 4.84
CA ASP B 169 28.39 -28.99 4.11
C ASP B 169 27.60 -27.72 3.78
N TRP B 170 26.46 -27.52 4.44
CA TRP B 170 25.71 -26.24 4.42
C TRP B 170 25.28 -25.75 3.03
N GLY B 171 24.98 -26.70 2.13
CA GLY B 171 24.56 -26.38 0.77
C GLY B 171 25.71 -26.18 -0.21
N ASN B 172 26.93 -26.48 0.21
CA ASN B 172 28.10 -26.44 -0.68
C ASN B 172 28.65 -27.85 -0.97
N GLY B 173 27.95 -28.88 -0.49
CA GLY B 173 28.42 -30.26 -0.61
C GLY B 173 27.83 -31.03 -1.77
N ASN B 174 27.55 -32.32 -1.52
CA ASN B 174 27.07 -33.24 -2.56
C ASN B 174 25.72 -32.89 -3.17
N ASN B 175 24.90 -32.16 -2.42
CA ASN B 175 23.64 -31.61 -2.92
C ASN B 175 23.74 -30.82 -4.23
N ARG B 176 24.92 -30.26 -4.53
CA ARG B 176 25.17 -29.51 -5.78
C ARG B 176 25.63 -30.38 -6.97
N ARG B 177 25.85 -31.66 -6.73
CA ARG B 177 26.37 -32.55 -7.78
C ARG B 177 25.97 -34.01 -7.56
N ASP B 178 24.73 -34.24 -7.12
CA ASP B 178 24.18 -35.62 -7.00
C ASP B 178 22.98 -35.88 -7.93
N GLY B 179 22.71 -34.94 -8.84
CA GLY B 179 21.57 -35.04 -9.75
C GLY B 179 20.25 -34.78 -9.05
N GLY B 180 20.26 -33.87 -8.08
CA GLY B 180 19.05 -33.46 -7.37
C GLY B 180 18.51 -34.44 -6.32
N ALA B 181 19.25 -35.50 -6.01
CA ALA B 181 18.77 -36.57 -5.12
C ALA B 181 18.42 -36.05 -3.72
N GLN B 182 19.33 -35.28 -3.13
CA GLN B 182 19.06 -34.69 -1.84
C GLN B 182 17.83 -33.77 -1.90
N TYR B 183 17.72 -32.93 -2.93
CA TYR B 183 16.56 -32.03 -3.04
C TYR B 183 15.24 -32.79 -3.27
N ARG B 184 15.31 -33.91 -3.99
CA ARG B 184 14.12 -34.71 -4.27
C ARG B 184 13.59 -35.35 -2.98
N VAL B 185 14.49 -35.82 -2.13
CA VAL B 185 14.12 -36.46 -0.88
C VAL B 185 13.49 -35.47 0.05
N LEU B 186 14.14 -34.32 0.18
CA LEU B 186 13.62 -33.32 1.07
C LEU B 186 12.19 -32.96 0.66
N ASN B 187 11.97 -32.74 -0.64
CA ASN B 187 10.62 -32.46 -1.14
C ASN B 187 9.65 -33.55 -0.79
N GLU B 188 10.10 -34.79 -0.85
CA GLU B 188 9.27 -35.95 -0.48
C GLU B 188 8.90 -35.91 1.00
N TRP B 189 9.84 -35.55 1.87
CA TRP B 189 9.55 -35.45 3.30
C TRP B 189 8.51 -34.38 3.60
N ASN B 190 8.64 -33.22 2.96
CA ASN B 190 7.64 -32.18 3.14
C ASN B 190 6.25 -32.66 2.73
N GLN B 191 6.19 -33.35 1.61
CA GLN B 191 4.94 -33.94 1.16
C GLN B 191 4.34 -34.84 2.24
N VAL B 192 5.16 -35.75 2.76
CA VAL B 192 4.72 -36.72 3.76
C VAL B 192 4.22 -36.03 5.04
N CYS B 193 4.93 -34.98 5.47
CA CYS B 193 4.52 -34.20 6.63
C CYS B 193 3.20 -33.46 6.41
N VAL B 194 3.02 -32.87 5.22
CA VAL B 194 1.75 -32.21 4.91
C VAL B 194 0.62 -33.25 4.90
N ASP B 195 0.86 -34.38 4.24
CA ASP B 195 -0.13 -35.44 4.22
C ASP B 195 -0.57 -35.79 5.64
N ALA B 196 0.39 -35.99 6.55
CA ALA B 196 0.08 -36.42 7.91
C ALA B 196 -0.59 -35.32 8.73
N ILE B 197 -0.21 -34.08 8.52
CA ILE B 197 -0.88 -33.00 9.25
C ILE B 197 -2.35 -32.93 8.84
N ARG B 198 -2.65 -33.06 7.55
CA ARG B 198 -4.03 -32.97 7.07
C ARG B 198 -4.88 -34.17 7.50
N ALA B 199 -4.23 -35.32 7.65
CA ALA B 199 -4.86 -36.55 8.12
C ALA B 199 -5.13 -36.55 9.62
N ALA B 200 -4.58 -35.60 10.36
CA ALA B 200 -4.84 -35.50 11.80
C ALA B 200 -6.23 -34.96 12.13
N GLY B 201 -6.95 -34.47 11.12
CA GLY B 201 -8.32 -34.03 11.30
C GLY B 201 -8.45 -32.66 11.96
N GLY B 202 -9.70 -32.25 12.13
CA GLY B 202 -10.04 -31.04 12.86
C GLY B 202 -9.51 -29.82 12.14
N LYS B 203 -8.96 -28.90 12.92
CA LYS B 203 -8.46 -27.64 12.39
C LYS B 203 -7.10 -27.76 11.68
N ASN B 204 -6.51 -28.95 11.69
CA ASN B 204 -5.31 -29.24 10.90
C ASN B 204 -5.58 -29.28 9.43
N GLU B 205 -6.85 -29.35 9.05
CA GLU B 205 -7.19 -29.39 7.65
C GLU B 205 -7.03 -28.03 6.99
N THR B 206 -7.18 -26.95 7.77
CA THR B 206 -7.11 -25.59 7.20
C THR B 206 -6.05 -24.73 7.84
N ARG B 207 -5.17 -25.37 8.61
CA ARG B 207 -4.04 -24.75 9.26
C ARG B 207 -3.00 -24.39 8.18
N TYR B 208 -2.33 -23.27 8.34
CA TYR B 208 -1.20 -22.94 7.51
C TYR B 208 -0.01 -23.82 7.88
N ILE B 209 0.68 -24.33 6.87
CA ILE B 209 1.86 -25.16 7.08
C ILE B 209 3.07 -24.52 6.40
N GLY B 210 4.15 -24.32 7.15
CA GLY B 210 5.42 -23.86 6.57
C GLY B 210 6.29 -25.03 6.11
N VAL B 211 6.88 -24.89 4.93
CA VAL B 211 7.76 -25.92 4.35
C VAL B 211 9.08 -25.27 3.92
N PRO B 212 10.21 -25.87 4.31
CA PRO B 212 11.51 -25.33 3.94
C PRO B 212 12.13 -26.00 2.75
N GLY B 213 13.12 -25.33 2.17
CA GLY B 213 14.03 -25.93 1.19
C GLY B 213 15.33 -26.29 1.85
N TYR B 214 16.33 -26.64 1.03
CA TYR B 214 17.62 -27.16 1.54
C TYR B 214 18.32 -26.17 2.49
N VAL B 215 18.67 -26.65 3.69
CA VAL B 215 19.30 -25.85 4.75
C VAL B 215 18.68 -24.47 4.97
N CYS B 216 17.41 -24.33 4.60
CA CYS B 216 16.69 -23.05 4.67
C CYS B 216 17.34 -21.92 3.88
N ASN B 217 18.09 -22.27 2.84
CA ASN B 217 18.79 -21.28 2.04
C ASN B 217 17.80 -20.75 1.00
N PRO B 218 17.58 -19.41 0.97
CA PRO B 218 16.63 -18.82 0.03
C PRO B 218 16.85 -19.24 -1.42
N ASP B 219 18.10 -19.24 -1.88
CA ASP B 219 18.38 -19.55 -3.30
C ASP B 219 18.19 -21.03 -3.66
N LEU B 220 18.61 -21.91 -2.76
CA LEU B 220 18.41 -23.35 -2.98
C LEU B 220 16.93 -23.73 -2.84
N THR B 221 16.19 -22.91 -2.07
CA THR B 221 14.75 -23.00 -2.00
C THR B 221 14.11 -22.64 -3.34
N VAL B 222 14.34 -21.43 -3.87
CA VAL B 222 13.67 -21.01 -5.11
C VAL B 222 14.06 -21.91 -6.29
N GLU B 223 15.24 -22.51 -6.22
CA GLU B 223 15.70 -23.38 -7.32
C GLU B 223 15.15 -24.79 -7.28
N ASN B 224 14.93 -25.33 -6.08
CA ASN B 224 14.61 -26.77 -5.97
C ASN B 224 13.37 -27.15 -5.13
N LEU B 225 12.85 -26.24 -4.32
CA LEU B 225 11.62 -26.51 -3.56
C LEU B 225 10.44 -26.73 -4.51
N VAL B 226 9.77 -27.87 -4.34
CA VAL B 226 8.48 -28.16 -4.95
C VAL B 226 7.42 -28.13 -3.84
N LEU B 227 6.53 -27.15 -3.88
CA LEU B 227 5.42 -27.09 -2.92
C LEU B 227 4.56 -28.36 -3.00
N PRO B 228 4.36 -29.02 -1.84
CA PRO B 228 3.53 -30.22 -1.81
C PRO B 228 2.12 -30.01 -2.40
N GLU B 229 1.58 -31.08 -2.98
CA GLU B 229 0.16 -31.14 -3.23
C GLU B 229 -0.57 -31.10 -1.90
N ASP B 230 -1.56 -30.23 -1.80
CA ASP B 230 -2.30 -30.07 -0.57
C ASP B 230 -3.77 -30.46 -0.81
N VAL B 231 -4.50 -30.68 0.27
CA VAL B 231 -5.94 -30.98 0.22
C VAL B 231 -6.81 -29.72 0.20
N VAL B 232 -6.22 -28.57 0.54
CA VAL B 232 -6.90 -27.26 0.47
C VAL B 232 -6.01 -26.26 -0.21
N PRO B 233 -6.59 -25.25 -0.85
CA PRO B 233 -5.78 -24.21 -1.52
C PRO B 233 -5.27 -23.17 -0.55
N ASN B 234 -4.11 -22.59 -0.88
CA ASN B 234 -3.60 -21.40 -0.21
C ASN B 234 -3.32 -21.56 1.30
N ARG B 235 -2.86 -22.74 1.74
CA ARG B 235 -2.48 -22.95 3.16
C ARG B 235 -1.03 -23.38 3.35
N LEU B 236 -0.20 -23.19 2.35
CA LEU B 236 1.24 -23.43 2.49
C LEU B 236 2.03 -22.12 2.45
N MET B 237 2.99 -22.01 3.37
CA MET B 237 3.93 -20.90 3.42
C MET B 237 5.35 -21.42 3.23
N VAL B 238 6.21 -20.62 2.61
CA VAL B 238 7.60 -20.99 2.43
C VAL B 238 8.46 -20.45 3.58
N ALA B 239 9.21 -21.33 4.24
CA ALA B 239 10.03 -20.95 5.38
C ALA B 239 11.49 -20.90 4.94
N VAL B 240 12.15 -19.79 5.26
CA VAL B 240 13.55 -19.61 4.94
C VAL B 240 14.24 -19.09 6.18
N HIS B 241 15.58 -19.11 6.19
CA HIS B 241 16.37 -18.46 7.23
C HIS B 241 17.36 -17.53 6.60
N SER B 242 17.79 -16.51 7.32
CA SER B 242 18.93 -15.72 6.85
C SER B 242 19.69 -15.05 7.97
N TYR B 243 20.97 -15.38 8.04
CA TYR B 243 21.91 -14.68 8.87
C TYR B 243 22.97 -14.05 7.96
N ASP B 244 22.51 -13.40 6.88
CA ASP B 244 23.44 -12.92 5.84
C ASP B 244 23.84 -11.48 6.02
N PRO B 245 25.12 -11.16 5.76
CA PRO B 245 26.20 -12.12 5.48
C PRO B 245 26.74 -12.71 6.77
N TRP B 246 27.01 -14.01 6.72
CA TRP B 246 27.30 -14.73 7.93
C TRP B 246 28.45 -14.09 8.70
N ASP B 247 29.50 -13.69 7.98
CA ASP B 247 30.73 -13.26 8.63
C ASP B 247 30.62 -11.87 9.24
N TYR B 248 29.52 -11.16 8.95
CA TYR B 248 29.08 -10.01 9.74
C TYR B 248 28.05 -10.37 10.84
N ALA B 249 26.95 -11.03 10.44
CA ALA B 249 25.82 -11.24 11.32
C ALA B 249 26.00 -12.35 12.33
N GLY B 250 26.75 -13.39 11.96
CA GLY B 250 26.85 -14.59 12.77
C GLY B 250 28.17 -14.81 13.48
N SER B 251 29.26 -14.81 12.74
CA SER B 251 30.59 -14.98 13.34
C SER B 251 31.21 -13.68 13.83
N ALA B 252 30.68 -12.55 13.39
CA ALA B 252 31.14 -11.24 13.85
C ALA B 252 32.65 -11.07 13.59
N LYS B 253 33.12 -11.64 12.50
CA LYS B 253 34.48 -11.42 12.07
C LYS B 253 34.61 -10.02 11.54
N TYR B 254 33.54 -9.51 10.96
CA TYR B 254 33.42 -8.09 10.60
C TYR B 254 32.33 -7.49 11.44
N ASN B 255 32.50 -6.22 11.82
CA ASN B 255 31.61 -5.57 12.77
C ASN B 255 30.90 -4.31 12.26
N GLU B 256 30.94 -4.07 10.96
CA GLU B 256 30.11 -3.02 10.37
C GLU B 256 29.46 -3.60 9.17
N TRP B 257 28.43 -2.94 8.70
CA TRP B 257 27.67 -3.47 7.56
C TRP B 257 27.07 -2.28 6.79
N GLY B 258 27.06 -2.39 5.47
CA GLY B 258 26.38 -1.39 4.65
C GLY B 258 27.34 -0.35 4.16
N HIS B 259 26.82 0.55 3.33
CA HIS B 259 27.67 1.45 2.54
C HIS B 259 28.52 2.43 3.34
N THR B 260 28.18 2.67 4.62
CA THR B 260 29.02 3.56 5.44
C THR B 260 29.97 2.80 6.33
N GLY B 261 29.91 1.48 6.32
CA GLY B 261 30.88 0.68 7.08
C GLY B 261 32.22 0.63 6.39
N LYS B 262 33.27 0.43 7.18
CA LYS B 262 34.58 0.07 6.65
C LYS B 262 35.00 -1.35 6.98
N ASP B 263 34.68 -1.80 8.20
CA ASP B 263 34.96 -3.16 8.64
C ASP B 263 33.78 -4.04 8.19
N VAL B 264 33.78 -4.39 6.91
CA VAL B 264 32.63 -5.01 6.27
C VAL B 264 33.00 -6.23 5.42
N VAL B 265 32.03 -7.14 5.28
CA VAL B 265 32.18 -8.28 4.41
C VAL B 265 32.37 -7.69 3.01
N PRO B 266 33.50 -7.99 2.36
CA PRO B 266 33.68 -7.28 1.09
C PRO B 266 32.59 -7.52 0.03
N GLY B 267 32.00 -6.44 -0.46
CA GLY B 267 31.08 -6.50 -1.60
C GLY B 267 29.69 -7.00 -1.30
N VAL B 268 29.37 -7.19 0.00
CA VAL B 268 28.11 -7.76 0.38
C VAL B 268 27.48 -6.82 1.40
N GLY B 269 26.49 -6.05 0.93
CA GLY B 269 25.71 -5.14 1.76
C GLY B 269 24.21 -5.07 1.43
N GLU B 270 23.70 -3.84 1.46
CA GLU B 270 22.30 -3.59 1.24
C GLU B 270 21.77 -4.22 -0.07
N GLU B 271 22.46 -4.00 -1.18
CA GLU B 271 21.98 -4.50 -2.47
C GLU B 271 21.81 -6.03 -2.46
N ALA B 272 22.76 -6.72 -1.84
CA ALA B 272 22.74 -8.20 -1.91
C ALA B 272 21.56 -8.75 -1.08
N TYR B 273 21.27 -8.12 0.05
CA TYR B 273 20.24 -8.61 0.92
C TYR B 273 18.87 -8.37 0.31
N VAL B 274 18.68 -7.19 -0.26
CA VAL B 274 17.44 -6.88 -0.96
C VAL B 274 17.27 -7.77 -2.19
N GLY B 275 18.34 -8.02 -2.92
CA GLY B 275 18.28 -8.92 -4.09
C GLY B 275 17.74 -10.30 -3.68
N MET B 276 18.22 -10.79 -2.55
CA MET B 276 17.73 -12.04 -2.01
C MET B 276 16.23 -11.98 -1.66
N LEU B 277 15.78 -10.89 -1.03
CA LEU B 277 14.38 -10.71 -0.71
C LEU B 277 13.55 -10.58 -1.97
N ASN B 278 14.07 -9.89 -2.97
CA ASN B 278 13.41 -9.79 -4.26
C ASN B 278 13.17 -11.10 -4.94
N ARG B 279 14.12 -12.03 -4.84
CA ARG B 279 13.93 -13.31 -5.52
C ARG B 279 12.78 -14.09 -4.86
N LEU B 280 12.69 -14.01 -3.54
CA LEU B 280 11.58 -14.58 -2.78
C LEU B 280 10.23 -13.94 -3.08
N PHE B 281 10.23 -12.61 -3.19
CA PHE B 281 9.05 -11.85 -3.57
C PHE B 281 8.53 -12.21 -4.94
N ASN B 282 9.41 -12.31 -5.93
CA ASN B 282 9.01 -12.69 -7.29
C ASN B 282 8.61 -14.15 -7.44
N MET B 283 9.31 -15.04 -6.75
CA MET B 283 9.01 -16.47 -6.85
C MET B 283 7.74 -16.83 -6.08
N TYR B 284 7.55 -16.27 -4.89
CA TYR B 284 6.43 -16.70 -4.06
C TYR B 284 5.38 -15.63 -3.79
N ILE B 285 5.75 -14.49 -3.20
CA ILE B 285 4.73 -13.49 -2.86
C ILE B 285 3.89 -13.08 -4.11
N ARG B 286 4.54 -12.76 -5.22
CA ARG B 286 3.82 -12.42 -6.46
C ARG B 286 2.84 -13.52 -6.93
N ARG B 287 3.11 -14.78 -6.58
CA ARG B 287 2.26 -15.90 -6.97
C ARG B 287 1.24 -16.30 -5.89
N GLY B 288 1.09 -15.47 -4.87
CA GLY B 288 0.11 -15.70 -3.83
C GLY B 288 0.57 -16.63 -2.72
N VAL B 289 1.87 -16.94 -2.67
CA VAL B 289 2.40 -17.91 -1.72
C VAL B 289 3.21 -17.14 -0.67
N PRO B 290 2.77 -17.18 0.60
CA PRO B 290 3.48 -16.46 1.63
C PRO B 290 4.86 -17.00 1.93
N VAL B 291 5.74 -16.08 2.38
CA VAL B 291 7.11 -16.39 2.77
C VAL B 291 7.35 -15.82 4.15
N TYR B 292 7.96 -16.58 5.03
CA TYR B 292 8.42 -16.04 6.31
C TYR B 292 9.84 -16.52 6.62
N PHE B 293 10.58 -15.70 7.34
CA PHE B 293 11.89 -16.07 7.83
C PHE B 293 11.68 -16.68 9.20
N GLY B 294 11.83 -18.00 9.26
CA GLY B 294 11.73 -18.74 10.52
C GLY B 294 12.79 -18.31 11.49
N GLU B 295 13.94 -17.95 10.93
CA GLU B 295 15.06 -17.40 11.68
C GLU B 295 15.77 -16.33 10.86
N PHE B 296 16.05 -15.20 11.50
CA PHE B 296 16.99 -14.19 11.00
C PHE B 296 17.61 -13.53 12.21
N GLY B 297 18.76 -12.89 12.04
CA GLY B 297 19.34 -12.13 13.15
C GLY B 297 20.74 -11.70 12.88
N ALA B 298 21.26 -10.87 13.78
CA ALA B 298 22.68 -10.54 13.84
C ALA B 298 23.08 -10.41 15.32
N VAL B 299 24.23 -10.96 15.67
CA VAL B 299 24.65 -11.00 17.05
C VAL B 299 24.96 -9.60 17.58
N ARG B 300 25.05 -9.51 18.92
CA ARG B 300 25.34 -8.27 19.65
C ARG B 300 26.85 -7.87 19.57
N ARG B 301 27.08 -6.56 19.63
CA ARG B 301 28.43 -6.01 19.59
C ARG B 301 28.84 -5.42 20.94
N ALA B 302 30.13 -5.46 21.22
CA ALA B 302 30.66 -4.90 22.46
C ALA B 302 30.65 -3.37 22.42
N SER B 303 31.00 -2.76 21.29
CA SER B 303 31.15 -1.33 21.27
C SER B 303 29.90 -0.68 20.77
N LYS B 304 29.52 0.44 21.41
CA LYS B 304 28.31 1.21 21.02
C LYS B 304 28.27 1.58 19.55
N ALA B 305 29.41 1.93 19.01
CA ALA B 305 29.49 2.31 17.61
C ALA B 305 29.21 1.13 16.67
N ASP B 306 29.73 -0.06 16.98
CA ASP B 306 29.39 -1.27 16.19
C ASP B 306 27.90 -1.64 16.34
N GLU B 307 27.40 -1.54 17.58
CA GLU B 307 26.02 -1.81 17.87
C GLU B 307 25.13 -0.96 16.99
N GLU B 308 25.47 0.31 16.75
CA GLU B 308 24.68 1.15 15.84
C GLU B 308 24.58 0.53 14.45
N PHE B 309 25.65 -0.11 13.98
CA PHE B 309 25.56 -0.81 12.69
C PHE B 309 24.60 -2.01 12.73
N ARG B 310 24.50 -2.68 13.87
CA ARG B 310 23.55 -3.77 14.09
C ARG B 310 22.12 -3.27 14.02
N LEU B 311 21.85 -2.14 14.70
CA LEU B 311 20.51 -1.58 14.66
C LEU B 311 20.16 -1.16 13.22
N TYR B 312 21.12 -0.60 12.50
CA TYR B 312 20.94 -0.17 11.12
C TYR B 312 20.57 -1.37 10.25
N TYR B 313 21.31 -2.47 10.38
CA TYR B 313 21.04 -3.70 9.67
C TYR B 313 19.61 -4.13 9.92
N PHE B 314 19.21 -4.14 11.19
CA PHE B 314 17.83 -4.51 11.50
C PHE B 314 16.82 -3.55 10.88
N ARG B 315 17.04 -2.25 10.99
CA ARG B 315 16.05 -1.32 10.45
C ARG B 315 15.88 -1.54 8.96
N TYR B 316 16.98 -1.74 8.27
CA TYR B 316 16.97 -1.80 6.81
C TYR B 316 16.35 -3.11 6.30
N ILE B 317 16.86 -4.23 6.77
CA ILE B 317 16.36 -5.49 6.26
C ILE B 317 14.91 -5.68 6.63
N CYS B 318 14.52 -5.29 7.84
CA CYS B 318 13.13 -5.48 8.27
C CYS B 318 12.13 -4.58 7.52
N LYS B 319 12.55 -3.39 7.10
CA LYS B 319 11.73 -2.56 6.22
C LYS B 319 11.57 -3.22 4.86
N ALA B 320 12.69 -3.70 4.31
CA ALA B 320 12.67 -4.39 2.99
C ALA B 320 11.74 -5.60 3.02
N MET B 321 11.74 -6.29 4.18
CA MET B 321 10.82 -7.42 4.38
C MET B 321 9.37 -6.96 4.36
N ARG B 322 9.02 -5.98 5.20
CA ARG B 322 7.65 -5.46 5.24
C ARG B 322 7.17 -5.07 3.85
N ASP B 323 7.96 -4.33 3.10
CA ASP B 323 7.54 -3.87 1.77
C ASP B 323 7.38 -5.00 0.77
N ARG B 324 8.01 -6.16 1.03
CA ARG B 324 7.79 -7.35 0.23
C ARG B 324 6.81 -8.34 0.83
N ARG B 325 6.04 -7.89 1.84
CA ARG B 325 4.97 -8.70 2.48
C ARG B 325 5.50 -9.96 3.14
N ILE B 326 6.73 -9.86 3.62
CA ILE B 326 7.41 -10.95 4.27
C ILE B 326 7.53 -10.70 5.77
N SER B 327 7.22 -11.72 6.55
CA SER B 327 7.35 -11.68 8.02
C SER B 327 8.62 -12.40 8.40
N ALA B 328 9.06 -12.22 9.65
CA ALA B 328 10.33 -12.77 10.07
C ALA B 328 10.43 -12.87 11.59
N LEU B 329 11.08 -13.93 12.06
CA LEU B 329 11.23 -14.18 13.47
C LEU B 329 12.72 -14.21 13.91
N TYR B 330 13.06 -13.32 14.83
CA TYR B 330 14.43 -13.15 15.26
C TYR B 330 14.86 -14.33 16.09
N TRP B 331 16.10 -14.74 15.93
CA TRP B 331 16.61 -15.90 16.65
C TRP B 331 17.19 -15.46 17.99
N ASP B 332 16.53 -15.86 19.08
CA ASP B 332 17.00 -15.53 20.41
C ASP B 332 17.39 -16.80 21.15
N ASN B 333 18.69 -16.96 21.44
CA ASN B 333 19.17 -18.15 22.14
C ASN B 333 19.42 -17.90 23.61
N GLY B 334 19.02 -16.74 24.11
CA GLY B 334 19.20 -16.42 25.54
C GLY B 334 20.61 -16.01 25.95
N ASN B 335 21.56 -16.08 25.03
CA ASN B 335 22.97 -15.81 25.37
C ASN B 335 23.28 -14.30 25.27
N SER B 336 23.75 -13.73 26.38
CA SER B 336 23.93 -12.28 26.50
C SER B 336 25.32 -11.77 26.10
N LYS B 337 26.24 -12.68 25.84
CA LYS B 337 27.57 -12.29 25.37
C LYS B 337 27.50 -11.55 24.06
N ALA B 338 28.57 -10.82 23.76
CA ALA B 338 28.72 -10.11 22.50
C ALA B 338 29.44 -11.02 21.52
N GLY B 339 29.26 -10.74 20.24
CA GLY B 339 29.98 -11.46 19.22
C GLY B 339 29.33 -12.82 18.96
N ASN B 340 30.15 -13.73 18.49
CA ASN B 340 29.78 -15.07 18.14
C ASN B 340 28.74 -15.67 19.07
N ASP B 341 27.58 -15.99 18.50
CA ASP B 341 26.49 -16.66 19.22
C ASP B 341 25.74 -15.77 20.24
N GLY B 342 25.97 -14.45 20.17
CA GLY B 342 25.36 -13.52 21.09
C GLY B 342 24.03 -12.98 20.61
N PHE B 343 23.00 -13.82 20.68
CA PHE B 343 21.69 -13.51 20.12
C PHE B 343 20.63 -13.13 21.16
N GLY B 344 20.87 -13.42 22.42
CA GLY B 344 19.89 -13.11 23.47
C GLY B 344 19.53 -11.63 23.60
N VAL B 345 18.26 -11.31 23.43
CA VAL B 345 17.76 -9.98 23.70
C VAL B 345 16.63 -9.97 24.74
N ILE B 346 15.92 -11.09 24.89
CA ILE B 346 14.89 -11.22 25.93
C ILE B 346 15.11 -12.45 26.82
N ASP B 347 14.97 -12.30 28.13
CA ASP B 347 15.17 -13.42 29.06
C ASP B 347 14.07 -14.43 28.84
N HIS B 348 14.44 -15.69 28.73
CA HIS B 348 13.48 -16.73 28.38
C HIS B 348 12.52 -17.13 29.52
N ALA B 349 12.89 -16.84 30.76
CA ALA B 349 12.06 -17.18 31.92
C ALA B 349 11.11 -16.04 32.33
N THR B 350 11.54 -14.80 32.11
CA THR B 350 10.85 -13.62 32.64
C THR B 350 10.25 -12.72 31.57
N GLY B 351 10.68 -12.87 30.32
CA GLY B 351 10.29 -11.95 29.26
C GLY B 351 10.80 -10.52 29.38
N ARG B 352 11.77 -10.27 30.27
CA ARG B 352 12.39 -8.96 30.36
C ARG B 352 13.58 -8.84 29.41
N PHE B 353 13.95 -7.62 29.06
CA PHE B 353 15.07 -7.38 28.19
C PHE B 353 16.38 -7.78 28.86
N ILE B 354 17.27 -8.35 28.06
CA ILE B 354 18.66 -8.58 28.46
C ILE B 354 19.57 -7.47 27.96
N GLY B 355 20.33 -6.85 28.86
CA GLY B 355 21.25 -5.78 28.49
C GLY B 355 20.56 -4.70 27.66
N ASN B 356 21.15 -4.37 26.50
CA ASN B 356 20.58 -3.36 25.61
C ASN B 356 19.63 -3.98 24.57
N GLY B 357 19.03 -5.12 24.93
CA GLY B 357 18.15 -5.87 24.01
C GLY B 357 16.94 -5.11 23.46
N GLU B 358 16.44 -4.17 24.26
CA GLU B 358 15.30 -3.35 23.86
C GLU B 358 15.57 -2.53 22.60
N GLN B 359 16.76 -1.96 22.44
CA GLN B 359 17.11 -1.20 21.24
C GLN B 359 17.03 -2.06 19.99
N ALA B 360 17.50 -3.30 20.07
CA ALA B 360 17.47 -4.20 18.92
C ALA B 360 16.05 -4.61 18.56
N VAL B 361 15.27 -4.92 19.58
CA VAL B 361 13.90 -5.34 19.39
C VAL B 361 13.13 -4.19 18.76
N ARG B 362 13.30 -2.97 19.30
CA ARG B 362 12.60 -1.78 18.77
C ARG B 362 13.00 -1.52 17.32
N ALA B 363 14.28 -1.69 17.03
CA ALA B 363 14.79 -1.43 15.71
C ALA B 363 14.08 -2.34 14.72
N MET B 364 14.02 -3.64 15.01
CA MET B 364 13.46 -4.57 14.06
C MET B 364 11.95 -4.41 13.97
N ILE B 365 11.28 -4.31 15.11
CA ILE B 365 9.82 -4.22 15.11
C ILE B 365 9.32 -2.86 14.56
N ASP B 366 9.83 -1.73 15.05
CA ASP B 366 9.30 -0.45 14.59
C ASP B 366 9.56 -0.22 13.10
N SER B 367 10.64 -0.78 12.57
CA SER B 367 10.98 -0.56 11.16
C SER B 367 9.97 -1.31 10.30
N TRP B 368 9.67 -2.56 10.66
CA TRP B 368 8.70 -3.38 9.95
C TRP B 368 7.30 -2.77 10.03
N GLU B 369 6.92 -2.28 11.21
CA GLU B 369 5.54 -1.77 11.43
C GLU B 369 5.23 -0.39 10.85
N ASN B 370 6.25 0.39 10.56
CA ASN B 370 6.10 1.79 10.22
C ASN B 370 5.20 1.98 9.00
N ASN B 371 4.22 2.88 9.07
CA ASN B 371 3.31 3.11 7.94
C ASN B 371 3.39 4.54 7.44
N ASP B 372 4.52 5.18 7.67
CA ASP B 372 4.75 6.50 7.17
C ASP B 372 5.29 6.31 5.75
N PRO B 373 4.60 6.84 4.73
CA PRO B 373 5.15 6.64 3.39
C PRO B 373 6.47 7.35 3.12
N ASN B 374 6.88 8.29 3.97
CA ASN B 374 8.19 8.93 3.86
C ASN B 374 9.32 8.11 4.45
N TYR B 375 8.96 7.09 5.20
CA TYR B 375 9.96 6.18 5.75
C TYR B 375 10.18 5.07 4.72
N THR B 376 11.37 5.05 4.12
CA THR B 376 11.69 4.18 2.99
C THR B 376 13.08 3.63 3.16
N LEU B 377 13.49 2.74 2.24
CA LEU B 377 14.84 2.24 2.27
C LEU B 377 15.83 3.41 2.10
N GLN B 378 15.50 4.37 1.24
CA GLN B 378 16.31 5.58 1.02
C GLN B 378 16.53 6.36 2.32
N SER B 379 15.46 6.59 3.08
CA SER B 379 15.62 7.36 4.33
C SER B 379 16.43 6.58 5.36
N ILE B 380 16.27 5.27 5.40
CA ILE B 380 17.07 4.47 6.34
C ILE B 380 18.53 4.51 5.91
N TYR B 381 18.77 4.26 4.63
CA TYR B 381 20.10 4.35 4.00
C TYR B 381 20.82 5.66 4.33
N ASP B 382 20.11 6.78 4.19
CA ASP B 382 20.71 8.09 4.32
C ASP B 382 21.05 8.40 5.78
N SER B 383 20.47 7.68 6.72
CA SER B 383 20.81 7.87 8.12
C SER B 383 21.69 6.70 8.65
N ALA B 384 22.40 6.01 7.78
CA ALA B 384 23.30 4.96 8.23
C ALA B 384 24.36 5.57 9.17
N PRO B 385 24.77 4.84 10.21
CA PRO B 385 25.71 5.44 11.16
C PRO B 385 27.13 5.55 10.63
N GLU B 386 27.93 6.29 11.37
CA GLU B 386 29.31 6.58 11.01
C GLU B 386 30.25 5.45 11.47
N SER B 387 31.17 5.08 10.61
CA SER B 387 32.15 4.04 10.93
C SER B 387 33.06 4.52 12.05
N SER B 388 33.36 3.64 13.00
CA SER B 388 34.30 3.96 14.09
C SER B 388 35.69 3.44 13.81
N ARG B 389 35.97 3.03 12.58
CA ARG B 389 37.36 2.73 12.20
C ARG B 389 38.14 4.03 11.87
#